data_8OS1
#
_entry.id   8OS1
#
_cell.length_a   129.331
_cell.length_b   69.936
_cell.length_c   71.106
_cell.angle_alpha   90.00
_cell.angle_beta   100.05
_cell.angle_gamma   90.00
#
_symmetry.space_group_name_H-M   'C 1 2 1'
#
loop_
_entity.id
_entity.type
_entity.pdbx_description
1 polymer 'Peroxisome targeting signal 1 receptor'
2 polymer 'Peroxisome targeting signal 1 receptor'
3 polymer 'Peroxisomal targeting signal 1 (PTS1)'
4 non-polymer 1,2-ETHANEDIOL
5 non-polymer DI(HYDROXYETHYL)ETHER
6 non-polymer 'MAGNESIUM ION'
7 non-polymer 2-AMINO-2-HYDROXYMETHYL-PROPANE-1,3-DIOL
8 water water
#
loop_
_entity_poly.entity_id
_entity_poly.type
_entity_poly.pdbx_seq_one_letter_code
_entity_poly.pdbx_strand_id
1 'polypeptide(L)'
;METNYPFEPNNPYMYHDKPMEEGIAMLQLANMAEAALAFEAVCQKEPENVEAWRRLGTTQAENEKDCLAIIALNHARMLD
PKDIAVHAALAVSHTNEHNVGAALQSLRSWLLSQPQYEHLGLVDLQEVAADEGLDEVPEENYFFAAPSEYRDC(CME)TL
LYAAVEMNPNDPQLHASLGVLHNLSHRFDEAAKNFRRAVELRPDDAHTWNKLGATLANGNRPQEALEAYNRALDINPGYV
RVMYNMAVSYSNMAQYPLAAKHITRAIALQAGGTNPQGEGSRIATRGLWDLLRMTLNLMDRSDLVEASWQQDLTPFLKEF
GLEDMAV
;
B
2 'polypeptide(L)'
;METNYPFEPNNPYMYHDKPMEEGIAMLQLANMAEAALAFEAVCQKEPENVEAWRRLGTTQAENEKD(CME)LAIIALNHA
RMLDPKDIAVHAALAVSHTNEHNVGAALQSLRSWLLSQPQYEHLGLVDLQEVAADEGLDEVPEENYFFAAPSEYRDC
(CME)TLLYAAVEMNPNDPQLHASLGVLHNLSHRFDEAAKNFRRAVELRPDDAHTWNKLGATLANGNRPQEALEAYNRAL
DINPGYVRVMYNMAVSYSNMAQYPLAAKHITRAIALQAGGTNPQGEGSRIATRGLWDLLRMTLNLMDRSDLVEASWQQDL
TPFLKEFGLEDMAV
;
A
3 'polypeptide(L)' YQSKL D,C
#
loop_
_chem_comp.id
_chem_comp.type
_chem_comp.name
_chem_comp.formula
EDO non-polymer 1,2-ETHANEDIOL 'C2 H6 O2'
MG non-polymer 'MAGNESIUM ION' 'Mg 2'
PEG non-polymer DI(HYDROXYETHYL)ETHER 'C4 H10 O3'
TRS non-polymer 2-AMINO-2-HYDROXYMETHYL-PROPANE-1,3-DIOL 'C4 H12 N O3 1'
#
# COMPACT_ATOMS: atom_id res chain seq x y z
N MET A 1 12.80 6.45 -1.86
CA MET A 1 13.32 7.25 -0.70
C MET A 1 13.68 8.66 -1.15
N GLU A 2 13.02 9.13 -2.22
CA GLU A 2 13.30 10.41 -2.87
C GLU A 2 13.09 11.59 -1.92
N THR A 3 14.03 12.54 -1.99
CA THR A 3 13.97 13.77 -1.20
C THR A 3 13.95 14.98 -2.13
N ASN A 4 14.31 14.80 -3.41
CA ASN A 4 14.21 15.92 -4.31
C ASN A 4 12.82 15.94 -4.95
N TYR A 5 12.20 17.12 -5.00
CA TYR A 5 10.86 17.18 -5.56
C TYR A 5 10.96 17.15 -7.07
N PRO A 6 10.23 16.24 -7.77
CA PRO A 6 10.25 16.17 -9.23
C PRO A 6 9.32 17.21 -9.86
N PHE A 7 9.85 18.38 -10.15
CA PHE A 7 9.07 19.50 -10.65
C PHE A 7 8.46 19.17 -12.01
N GLU A 8 7.19 19.55 -12.20
CA GLU A 8 6.52 19.45 -13.48
C GLU A 8 7.23 20.37 -14.48
N PRO A 9 7.79 19.83 -15.60
CA PRO A 9 8.38 20.69 -16.64
C PRO A 9 7.36 21.59 -17.33
N ASN A 10 6.14 21.10 -17.52
CA ASN A 10 5.15 21.92 -18.21
C ASN A 10 4.51 22.89 -17.22
N ASN A 11 5.18 24.02 -16.95
CA ASN A 11 4.70 24.96 -15.94
C ASN A 11 4.78 26.41 -16.44
N PRO A 12 3.66 27.03 -16.92
CA PRO A 12 3.68 28.41 -17.37
C PRO A 12 3.86 29.41 -16.23
N TYR A 13 3.70 28.96 -14.98
CA TYR A 13 3.79 29.87 -13.84
C TYR A 13 5.24 30.26 -13.60
N MET A 14 6.15 29.54 -14.26
CA MET A 14 7.57 29.85 -14.13
C MET A 14 7.88 31.19 -14.79
N TYR A 15 6.95 31.74 -15.58
CA TYR A 15 7.19 33.07 -16.13
C TYR A 15 6.04 34.00 -15.77
N HIS A 16 5.31 33.67 -14.70
CA HIS A 16 4.30 34.56 -14.15
C HIS A 16 4.98 35.52 -13.16
N ASP A 17 4.46 36.76 -13.12
CA ASP A 17 5.01 37.81 -12.26
C ASP A 17 4.78 37.45 -10.79
N LYS A 18 3.57 36.97 -10.47
CA LYS A 18 3.17 36.81 -9.08
C LYS A 18 2.63 35.39 -8.83
N PRO A 19 3.44 34.32 -8.92
CA PRO A 19 2.90 32.95 -8.84
C PRO A 19 2.23 32.57 -7.52
N MET A 20 2.76 33.07 -6.38
CA MET A 20 2.20 32.80 -5.06
C MET A 20 0.75 33.31 -4.95
N GLU A 21 0.53 34.55 -5.36
CA GLU A 21 -0.83 35.09 -5.37
C GLU A 21 -1.71 34.34 -6.37
N GLU A 22 -1.17 34.02 -7.56
CA GLU A 22 -1.92 33.17 -8.48
C GLU A 22 -2.37 31.84 -7.85
N GLY A 23 -1.46 31.19 -7.12
CA GLY A 23 -1.77 29.90 -6.50
C GLY A 23 -2.92 29.99 -5.50
N ILE A 24 -2.90 31.04 -4.68
CA ILE A 24 -3.90 31.27 -3.67
C ILE A 24 -5.23 31.63 -4.33
N ALA A 25 -5.19 32.39 -5.44
CA ALA A 25 -6.40 32.67 -6.21
C ALA A 25 -6.95 31.38 -6.83
N MET A 26 -6.05 30.50 -7.31
CA MET A 26 -6.50 29.23 -7.85
C MET A 26 -7.13 28.35 -6.79
N LEU A 27 -6.59 28.34 -5.56
CA LEU A 27 -7.23 27.59 -4.48
C LEU A 27 -8.64 28.11 -4.26
N GLN A 28 -8.78 29.43 -4.17
CA GLN A 28 -10.06 30.11 -4.03
C GLN A 28 -10.99 29.79 -5.20
N LEU A 29 -10.45 29.57 -6.38
CA LEU A 29 -11.31 29.18 -7.49
C LEU A 29 -11.51 27.67 -7.53
N ALA A 30 -10.99 26.93 -6.55
CA ALA A 30 -11.18 25.49 -6.45
C ALA A 30 -10.46 24.76 -7.58
N ASN A 31 -9.29 25.28 -7.98
CA ASN A 31 -8.55 24.59 -9.02
C ASN A 31 -7.20 24.12 -8.49
N MET A 32 -7.19 22.89 -7.97
CA MET A 32 -6.03 22.31 -7.30
C MET A 32 -4.87 22.12 -8.28
N ALA A 33 -5.14 21.62 -9.49
CA ALA A 33 -4.05 21.32 -10.42
C ALA A 33 -3.26 22.59 -10.75
N GLU A 34 -3.97 23.68 -11.01
CA GLU A 34 -3.40 24.97 -11.36
C GLU A 34 -2.71 25.57 -10.14
N ALA A 35 -3.31 25.41 -8.95
CA ALA A 35 -2.74 25.96 -7.74
C ALA A 35 -1.40 25.29 -7.43
N ALA A 36 -1.29 23.96 -7.66
CA ALA A 36 -0.05 23.22 -7.42
C ALA A 36 1.08 23.62 -8.37
N LEU A 37 0.76 23.85 -9.65
CA LEU A 37 1.77 24.35 -10.59
C LEU A 37 2.29 25.71 -10.12
N ALA A 38 1.39 26.57 -9.65
CA ALA A 38 1.78 27.89 -9.21
C ALA A 38 2.68 27.80 -7.98
N PHE A 39 2.32 26.95 -7.01
CA PHE A 39 3.18 26.78 -5.84
C PHE A 39 4.51 26.11 -6.24
N GLU A 40 4.47 25.19 -7.21
CA GLU A 40 5.69 24.59 -7.70
C GLU A 40 6.61 25.68 -8.27
N ALA A 41 6.03 26.66 -8.96
CA ALA A 41 6.86 27.69 -9.57
C ALA A 41 7.52 28.52 -8.47
N VAL A 42 6.78 28.73 -7.37
CA VAL A 42 7.27 29.51 -6.25
C VAL A 42 8.42 28.76 -5.58
N CYS A 43 8.27 27.43 -5.47
CA CYS A 43 9.26 26.61 -4.79
C CYS A 43 10.57 26.57 -5.59
N GLN A 44 10.44 26.68 -6.92
CA GLN A 44 11.62 26.68 -7.77
C GLN A 44 12.30 28.03 -7.67
N LYS A 45 11.52 29.12 -7.64
CA LYS A 45 12.06 30.47 -7.62
C LYS A 45 12.52 30.87 -6.21
N GLU A 46 11.76 30.50 -5.17
CA GLU A 46 12.12 30.82 -3.79
C GLU A 46 12.19 29.53 -2.97
N PRO A 47 13.28 28.74 -3.05
CA PRO A 47 13.35 27.44 -2.38
C PRO A 47 13.30 27.44 -0.85
N GLU A 48 13.46 28.61 -0.21
CA GLU A 48 13.40 28.69 1.24
C GLU A 48 12.05 29.21 1.70
N ASN A 49 11.11 29.31 0.76
CA ASN A 49 9.79 29.82 1.08
C ASN A 49 8.99 28.69 1.72
N VAL A 50 8.75 28.82 3.02
CA VAL A 50 8.15 27.75 3.82
C VAL A 50 6.71 27.55 3.34
N GLU A 51 6.01 28.68 3.17
CA GLU A 51 4.58 28.70 2.86
C GLU A 51 4.36 28.06 1.49
N ALA A 52 5.22 28.36 0.52
CA ALA A 52 5.08 27.79 -0.83
C ALA A 52 5.19 26.27 -0.75
N TRP A 53 6.19 25.75 -0.01
CA TRP A 53 6.33 24.30 0.11
C TRP A 53 5.11 23.72 0.83
N ARG A 54 4.64 24.37 1.90
CA ARG A 54 3.51 23.84 2.67
C ARG A 54 2.24 23.78 1.81
N ARG A 55 2.00 24.84 1.03
CA ARG A 55 0.81 24.95 0.22
C ARG A 55 0.88 23.97 -0.94
N LEU A 56 2.05 23.83 -1.57
CA LEU A 56 2.28 22.78 -2.55
C LEU A 56 1.94 21.43 -1.94
N GLY A 57 2.44 21.15 -0.74
CA GLY A 57 2.15 19.88 -0.08
C GLY A 57 0.65 19.64 0.19
N THR A 58 -0.07 20.63 0.76
CA THR A 58 -1.49 20.41 1.08
C THR A 58 -2.32 20.33 -0.22
N THR A 59 -1.92 21.11 -1.23
CA THR A 59 -2.60 21.10 -2.51
C THR A 59 -2.42 19.75 -3.20
N GLN A 60 -1.24 19.15 -3.13
CA GLN A 60 -1.04 17.86 -3.80
C GLN A 60 -1.85 16.77 -3.09
N ALA A 61 -1.94 16.84 -1.75
CA ALA A 61 -2.80 15.88 -1.05
C ALA A 61 -4.22 16.02 -1.56
N GLU A 62 -4.72 17.25 -1.66
CA GLU A 62 -6.07 17.53 -2.09
C GLU A 62 -6.27 17.09 -3.54
N ASN A 63 -5.14 17.03 -4.28
CA ASN A 63 -5.21 16.64 -5.68
C ASN A 63 -4.93 15.14 -5.84
N GLU A 64 -4.89 14.40 -4.71
CA GLU A 64 -4.79 12.95 -4.71
C GLU A 64 -3.40 12.49 -5.16
N LYS A 65 -2.36 13.10 -4.56
CA LYS A 65 -0.96 12.82 -4.90
C LYS A 65 -0.13 12.83 -3.62
N ASP A 66 -0.38 11.87 -2.73
CA ASP A 66 0.26 11.87 -1.42
C ASP A 66 1.79 11.82 -1.55
N CYS A 67 2.30 11.10 -2.56
CA CYS A 67 3.75 10.93 -2.70
CA CYS A 67 3.75 10.94 -2.67
C CYS A 67 4.42 12.29 -2.91
N LEU A 68 3.85 13.12 -3.79
CA LEU A 68 4.38 14.45 -3.99
C LEU A 68 4.10 15.33 -2.77
N ALA A 69 2.96 15.10 -2.11
CA ALA A 69 2.60 15.88 -0.94
C ALA A 69 3.68 15.72 0.12
N ILE A 70 4.06 14.47 0.39
CA ILE A 70 5.04 14.18 1.42
C ILE A 70 6.38 14.82 1.10
N ILE A 71 6.80 14.76 -0.17
CA ILE A 71 8.10 15.33 -0.50
C ILE A 71 8.05 16.82 -0.22
N ALA A 72 6.96 17.48 -0.65
CA ALA A 72 6.85 18.92 -0.48
C ALA A 72 6.79 19.31 1.00
N LEU A 73 6.02 18.57 1.79
CA LEU A 73 5.88 18.88 3.20
C LEU A 73 7.19 18.60 3.97
N ASN A 74 7.99 17.64 3.49
CA ASN A 74 9.28 17.32 4.08
C ASN A 74 10.25 18.48 3.87
N HIS A 75 10.19 19.17 2.73
CA HIS A 75 10.95 20.40 2.52
C HIS A 75 10.52 21.49 3.50
N ALA A 76 9.21 21.71 3.61
CA ALA A 76 8.64 22.73 4.50
C ALA A 76 9.13 22.49 5.92
N ARG A 77 9.11 21.23 6.34
CA ARG A 77 9.51 20.83 7.68
C ARG A 77 11.01 21.09 7.92
N MET A 78 11.85 20.82 6.90
CA MET A 78 13.28 21.10 6.97
C MET A 78 13.49 22.59 7.22
N LEU A 79 12.78 23.46 6.49
CA LEU A 79 12.92 24.90 6.61
C LEU A 79 12.34 25.38 7.95
N ASP A 80 11.23 24.76 8.38
CA ASP A 80 10.62 25.23 9.61
C ASP A 80 10.04 24.03 10.36
N PRO A 81 10.81 23.48 11.32
CA PRO A 81 10.35 22.28 12.04
C PRO A 81 9.29 22.56 13.10
N LYS A 82 8.88 23.83 13.24
CA LYS A 82 7.77 24.20 14.12
C LYS A 82 6.48 24.48 13.35
N ASP A 83 6.48 24.25 12.03
CA ASP A 83 5.29 24.60 11.26
C ASP A 83 4.22 23.54 11.53
N ILE A 84 3.17 23.93 12.24
CA ILE A 84 2.27 22.93 12.78
C ILE A 84 1.35 22.40 11.70
N ALA A 85 0.99 23.24 10.70
CA ALA A 85 0.15 22.75 9.62
C ALA A 85 0.92 21.70 8.80
N VAL A 86 2.25 21.86 8.72
CA VAL A 86 3.08 20.87 8.03
C VAL A 86 3.01 19.51 8.75
N HIS A 87 3.17 19.51 10.08
CA HIS A 87 3.04 18.26 10.86
C HIS A 87 1.65 17.63 10.69
N ALA A 88 0.60 18.46 10.69
CA ALA A 88 -0.77 17.96 10.57
C ALA A 88 -0.96 17.30 9.22
N ALA A 89 -0.47 17.93 8.15
CA ALA A 89 -0.61 17.34 6.82
C ALA A 89 0.19 16.04 6.67
N LEU A 90 1.44 16.03 7.19
CA LEU A 90 2.28 14.83 7.13
C LEU A 90 1.63 13.67 7.86
N ALA A 91 0.99 13.93 9.02
CA ALA A 91 0.38 12.84 9.77
C ALA A 91 -0.70 12.19 8.90
N VAL A 92 -1.43 13.03 8.16
CA VAL A 92 -2.51 12.57 7.30
C VAL A 92 -1.96 11.73 6.14
N SER A 93 -1.03 12.30 5.38
CA SER A 93 -0.49 11.63 4.21
C SER A 93 0.25 10.35 4.60
N HIS A 94 0.92 10.35 5.75
CA HIS A 94 1.61 9.16 6.21
C HIS A 94 0.59 8.08 6.53
N THR A 95 -0.53 8.45 7.18
CA THR A 95 -1.55 7.47 7.52
C THR A 95 -2.05 6.79 6.25
N ASN A 96 -2.28 7.60 5.19
CA ASN A 96 -2.81 7.11 3.93
C ASN A 96 -1.82 6.13 3.28
N GLU A 97 -0.53 6.41 3.40
CA GLU A 97 0.53 5.62 2.78
C GLU A 97 0.99 4.49 3.73
N HIS A 98 0.24 4.25 4.81
CA HIS A 98 0.51 3.19 5.77
C HIS A 98 1.86 3.32 6.49
N ASN A 99 2.51 4.49 6.40
N ASN A 99 2.53 4.48 6.40
CA ASN A 99 3.70 4.75 7.18
CA ASN A 99 3.71 4.68 7.21
C ASN A 99 3.29 5.04 8.62
C ASN A 99 3.30 5.03 8.62
N VAL A 100 3.04 3.99 9.43
CA VAL A 100 2.45 4.18 10.75
C VAL A 100 3.38 4.93 11.70
N GLY A 101 4.68 4.65 11.60
CA GLY A 101 5.65 5.22 12.52
C GLY A 101 5.85 6.70 12.22
N ALA A 102 5.98 7.05 10.93
CA ALA A 102 6.09 8.44 10.52
C ALA A 102 4.80 9.21 10.90
N ALA A 103 3.62 8.55 10.85
CA ALA A 103 2.37 9.21 11.20
C ALA A 103 2.32 9.52 12.69
N LEU A 104 2.73 8.55 13.51
CA LEU A 104 2.88 8.76 14.94
C LEU A 104 3.84 9.90 15.26
N GLN A 105 5.02 9.89 14.64
CA GLN A 105 6.00 10.94 14.85
C GLN A 105 5.44 12.30 14.43
N SER A 106 4.72 12.36 13.30
CA SER A 106 4.11 13.63 12.90
C SER A 106 3.05 14.14 13.88
N LEU A 107 2.20 13.24 14.40
CA LEU A 107 1.21 13.61 15.42
C LEU A 107 1.86 14.19 16.68
N ARG A 108 2.96 13.58 17.12
CA ARG A 108 3.69 14.09 18.27
C ARG A 108 4.27 15.48 17.98
N SER A 109 4.95 15.64 16.84
CA SER A 109 5.54 16.92 16.48
C SER A 109 4.44 17.99 16.33
N TRP A 110 3.26 17.57 15.83
CA TRP A 110 2.13 18.48 15.70
C TRP A 110 1.71 19.08 17.07
N LEU A 111 1.48 18.20 18.06
CA LEU A 111 1.06 18.62 19.40
C LEU A 111 2.13 19.45 20.11
N LEU A 112 3.38 18.96 20.08
CA LEU A 112 4.45 19.48 20.92
C LEU A 112 5.05 20.77 20.34
N SER A 113 4.81 21.04 19.07
CA SER A 113 5.22 22.29 18.45
C SER A 113 4.28 23.44 18.83
N GLN A 114 3.15 23.13 19.48
CA GLN A 114 2.18 24.16 19.83
C GLN A 114 2.50 24.72 21.23
N PRO A 115 2.77 26.04 21.35
CA PRO A 115 2.95 26.65 22.67
C PRO A 115 1.84 26.25 23.64
N GLN A 116 0.59 26.18 23.15
CA GLN A 116 -0.51 25.76 24.00
C GLN A 116 -0.23 24.40 24.66
N TYR A 117 0.45 23.50 23.95
CA TYR A 117 0.53 22.10 24.39
C TYR A 117 1.95 21.64 24.72
N GLU A 118 2.95 22.49 24.55
CA GLU A 118 4.32 21.96 24.54
C GLU A 118 4.73 21.43 25.91
N HIS A 119 4.09 21.95 26.97
CA HIS A 119 4.39 21.54 28.33
C HIS A 119 4.08 20.06 28.53
N LEU A 120 3.15 19.51 27.73
CA LEU A 120 2.76 18.10 27.80
C LEU A 120 3.94 17.18 27.45
N GLY A 121 4.94 17.71 26.76
CA GLY A 121 6.12 16.94 26.45
C GLY A 121 6.95 16.64 27.70
N LEU A 122 6.84 17.48 28.74
CA LEU A 122 7.59 17.33 29.98
C LEU A 122 6.92 16.33 30.92
N VAL A 123 5.67 15.97 30.65
CA VAL A 123 4.96 14.99 31.46
C VAL A 123 5.62 13.61 31.28
N ASP A 124 5.74 12.86 32.38
CA ASP A 124 6.42 11.57 32.37
C ASP A 124 5.52 10.48 31.77
N LEU A 125 5.44 10.47 30.44
CA LEU A 125 4.45 9.70 29.68
C LEU A 125 4.68 9.92 28.18
N TYR A 142 0.04 -4.23 21.91
CA TYR A 142 -0.61 -4.48 23.24
C TYR A 142 -2.02 -5.01 23.00
N PHE A 143 -3.01 -4.33 23.57
CA PHE A 143 -4.40 -4.61 23.27
C PHE A 143 -4.86 -3.75 22.10
N PHE A 144 -3.92 -2.98 21.52
CA PHE A 144 -4.19 -2.16 20.34
C PHE A 144 -3.42 -2.71 19.13
N ALA A 145 -4.02 -2.57 17.95
CA ALA A 145 -3.36 -2.86 16.69
C ALA A 145 -2.49 -1.66 16.27
N ALA A 146 -1.54 -1.27 17.14
CA ALA A 146 -0.56 -0.22 16.89
C ALA A 146 0.73 -0.52 17.68
N PRO A 147 1.89 0.11 17.35
CA PRO A 147 3.10 0.03 18.18
C PRO A 147 2.89 0.78 19.50
N SER A 148 3.94 0.82 20.33
CA SER A 148 3.85 1.29 21.71
C SER A 148 3.80 2.81 21.80
N GLU A 149 4.35 3.50 20.80
CA GLU A 149 4.25 4.96 20.77
C GLU A 149 2.79 5.38 20.72
N TYR A 150 1.93 4.49 20.21
CA TYR A 150 0.50 4.72 20.07
C TYR A 150 -0.18 4.97 21.41
N ARG A 151 0.31 4.33 22.48
CA ARG A 151 -0.28 4.58 23.79
C ARG A 151 0.13 5.98 24.27
N ASP A 152 1.38 6.36 24.02
CA ASP A 152 1.92 7.66 24.36
C ASP A 152 1.15 8.80 23.66
N CYS A 153 0.99 8.68 22.34
CA CYS A 153 0.15 9.58 21.57
C CYS A 153 -1.24 9.69 22.19
N CME A 154 -1.84 8.57 22.62
CA CME A 154 -3.16 8.61 23.24
CB CME A 154 -3.63 7.24 23.71
SG CME A 154 -4.29 6.21 22.38
SD CME A 154 -6.39 6.21 22.34
CE CME A 154 -7.73 5.25 23.11
CZ CME A 154 -8.21 4.03 22.37
OH CME A 154 -7.42 3.68 21.24
C CME A 154 -3.15 9.46 24.50
O CME A 154 -4.05 10.27 24.69
N THR A 155 -2.19 9.20 25.39
CA THR A 155 -2.09 9.93 26.65
C THR A 155 -1.93 11.41 26.36
N LEU A 156 -0.96 11.74 25.51
CA LEU A 156 -0.69 13.14 25.18
C LEU A 156 -1.95 13.83 24.65
N LEU A 157 -2.66 13.21 23.68
CA LEU A 157 -3.80 13.84 23.04
C LEU A 157 -4.97 13.95 24.01
N TYR A 158 -5.15 12.95 24.89
CA TYR A 158 -6.25 12.97 25.83
C TYR A 158 -5.98 13.97 26.95
N ALA A 159 -4.70 14.13 27.32
CA ALA A 159 -4.31 15.18 28.26
C ALA A 159 -4.62 16.57 27.66
N ALA A 160 -4.34 16.74 26.35
CA ALA A 160 -4.60 18.01 25.68
C ALA A 160 -6.10 18.29 25.62
N VAL A 161 -6.88 17.24 25.32
CA VAL A 161 -8.33 17.35 25.24
C VAL A 161 -8.89 17.74 26.61
N GLU A 162 -8.25 17.25 27.68
CA GLU A 162 -8.73 17.54 29.03
C GLU A 162 -8.57 19.03 29.34
N MET A 163 -7.45 19.64 28.92
CA MET A 163 -7.27 21.04 29.23
C MET A 163 -7.93 21.94 28.19
N ASN A 164 -8.27 21.41 26.99
CA ASN A 164 -8.78 22.26 25.92
C ASN A 164 -9.74 21.47 25.05
N PRO A 165 -10.89 21.01 25.62
CA PRO A 165 -11.81 20.11 24.91
C PRO A 165 -12.42 20.60 23.60
N ASN A 166 -12.48 21.93 23.37
CA ASN A 166 -13.16 22.46 22.21
C ASN A 166 -12.18 22.91 21.12
N ASP A 167 -10.93 22.40 21.16
CA ASP A 167 -10.06 22.57 20.00
C ASP A 167 -10.40 21.48 18.98
N PRO A 168 -11.05 21.83 17.84
CA PRO A 168 -11.47 20.83 16.84
C PRO A 168 -10.27 20.00 16.38
N GLN A 169 -9.09 20.63 16.29
CA GLN A 169 -7.90 19.98 15.73
C GLN A 169 -7.36 18.88 16.66
N LEU A 170 -7.64 18.98 17.97
CA LEU A 170 -7.32 17.88 18.88
C LEU A 170 -8.17 16.65 18.51
N HIS A 171 -9.46 16.89 18.20
CA HIS A 171 -10.38 15.83 17.83
C HIS A 171 -9.99 15.23 16.49
N ALA A 172 -9.61 16.10 15.55
CA ALA A 172 -9.18 15.60 14.26
C ALA A 172 -7.92 14.73 14.41
N SER A 173 -7.00 15.09 15.30
CA SER A 173 -5.77 14.31 15.49
C SER A 173 -6.05 12.94 16.11
N LEU A 174 -7.01 12.87 17.04
CA LEU A 174 -7.45 11.61 17.58
C LEU A 174 -8.07 10.75 16.48
N GLY A 175 -8.79 11.41 15.55
CA GLY A 175 -9.35 10.74 14.40
C GLY A 175 -8.26 10.10 13.55
N VAL A 176 -7.18 10.84 13.34
CA VAL A 176 -6.05 10.29 12.60
C VAL A 176 -5.48 9.11 13.39
N LEU A 177 -5.31 9.28 14.71
CA LEU A 177 -4.71 8.25 15.56
C LEU A 177 -5.55 6.98 15.50
N HIS A 178 -6.87 7.14 15.58
CA HIS A 178 -7.77 6.01 15.58
C HIS A 178 -7.85 5.35 14.20
N ASN A 179 -7.50 6.07 13.12
CA ASN A 179 -7.39 5.43 11.82
C ASN A 179 -6.17 4.50 11.78
N LEU A 180 -5.11 4.94 12.44
CA LEU A 180 -3.83 4.23 12.40
C LEU A 180 -3.95 2.86 13.07
N SER A 181 -4.89 2.76 14.02
CA SER A 181 -5.14 1.55 14.80
C SER A 181 -6.40 0.84 14.33
N HIS A 182 -6.89 1.21 13.14
CA HIS A 182 -8.04 0.59 12.50
C HIS A 182 -9.26 0.62 13.43
N ARG A 183 -9.33 1.64 14.29
CA ARG A 183 -10.47 1.88 15.15
C ARG A 183 -11.33 2.95 14.50
N PHE A 184 -12.14 2.56 13.52
CA PHE A 184 -12.83 3.49 12.62
C PHE A 184 -14.10 4.02 13.23
N ASP A 185 -14.75 3.24 14.08
CA ASP A 185 -15.94 3.76 14.76
C ASP A 185 -15.57 4.89 15.73
N GLU A 186 -14.41 4.75 16.37
CA GLU A 186 -13.94 5.76 17.31
C GLU A 186 -13.53 7.00 16.53
N ALA A 187 -12.67 6.80 15.51
CA ALA A 187 -12.23 7.86 14.60
C ALA A 187 -13.43 8.66 14.12
N ALA A 188 -14.55 7.98 13.81
CA ALA A 188 -15.70 8.68 13.24
C ALA A 188 -16.30 9.62 14.26
N LYS A 189 -16.31 9.19 15.52
CA LYS A 189 -16.77 10.04 16.60
C LYS A 189 -15.87 11.25 16.73
N ASN A 190 -14.55 11.04 16.63
CA ASN A 190 -13.58 12.13 16.71
C ASN A 190 -13.87 13.15 15.60
N PHE A 191 -14.07 12.67 14.37
CA PHE A 191 -14.17 13.58 13.24
C PHE A 191 -15.52 14.27 13.29
N ARG A 192 -16.52 13.58 13.84
CA ARG A 192 -17.84 14.16 14.02
C ARG A 192 -17.74 15.34 14.97
N ARG A 193 -16.95 15.14 16.03
CA ARG A 193 -16.79 16.21 17.02
C ARG A 193 -16.07 17.38 16.35
N ALA A 194 -15.03 17.07 15.54
CA ALA A 194 -14.27 18.09 14.85
C ALA A 194 -15.17 18.86 13.87
N VAL A 195 -16.04 18.21 13.08
CA VAL A 195 -16.86 19.00 12.16
C VAL A 195 -17.97 19.79 12.88
N GLU A 196 -18.42 19.27 14.05
CA GLU A 196 -19.37 20.04 14.84
C GLU A 196 -18.72 21.35 15.27
N LEU A 197 -17.47 21.28 15.69
CA LEU A 197 -16.80 22.48 16.17
C LEU A 197 -16.42 23.39 15.01
N ARG A 198 -16.10 22.81 13.84
CA ARG A 198 -15.70 23.62 12.71
C ARG A 198 -16.35 23.09 11.44
N PRO A 199 -17.63 23.38 11.18
CA PRO A 199 -18.37 22.75 10.06
C PRO A 199 -18.08 23.23 8.64
N ASP A 200 -17.30 24.29 8.48
CA ASP A 200 -16.97 24.77 7.15
C ASP A 200 -15.63 24.22 6.65
N ASP A 201 -15.02 23.27 7.36
CA ASP A 201 -13.72 22.74 7.02
C ASP A 201 -13.88 21.54 6.08
N ALA A 202 -13.64 21.74 4.77
CA ALA A 202 -13.81 20.66 3.79
C ALA A 202 -12.95 19.44 4.15
N HIS A 203 -11.74 19.67 4.67
CA HIS A 203 -10.79 18.60 4.93
C HIS A 203 -11.34 17.67 5.99
N THR A 204 -11.97 18.27 7.00
CA THR A 204 -12.50 17.47 8.10
C THR A 204 -13.68 16.63 7.62
N TRP A 205 -14.50 17.18 6.71
CA TRP A 205 -15.62 16.42 6.15
C TRP A 205 -15.08 15.20 5.40
N ASN A 206 -14.00 15.41 4.65
CA ASN A 206 -13.41 14.34 3.87
C ASN A 206 -12.87 13.26 4.79
N LYS A 207 -12.24 13.68 5.90
CA LYS A 207 -11.65 12.75 6.86
C LYS A 207 -12.73 11.92 7.53
N LEU A 208 -13.89 12.54 7.83
CA LEU A 208 -15.02 11.82 8.41
C LEU A 208 -15.50 10.78 7.39
N GLY A 209 -15.60 11.22 6.12
CA GLY A 209 -16.08 10.35 5.07
C GLY A 209 -15.15 9.15 4.89
N ALA A 210 -13.83 9.40 4.82
CA ALA A 210 -12.89 8.32 4.60
C ALA A 210 -12.96 7.35 5.76
N THR A 211 -13.02 7.90 6.98
CA THR A 211 -13.18 7.10 8.17
C THR A 211 -14.42 6.20 8.13
N LEU A 212 -15.57 6.73 7.72
CA LEU A 212 -16.78 5.92 7.65
C LEU A 212 -16.66 4.81 6.60
N ALA A 213 -16.23 5.19 5.39
CA ALA A 213 -15.93 4.19 4.35
C ALA A 213 -14.99 3.09 4.85
N ASN A 214 -13.90 3.46 5.52
CA ASN A 214 -12.93 2.48 6.00
C ASN A 214 -13.59 1.61 7.07
N GLY A 215 -14.59 2.16 7.76
CA GLY A 215 -15.35 1.39 8.74
C GLY A 215 -16.59 0.75 8.13
N ASN A 216 -16.63 0.61 6.79
CA ASN A 216 -17.67 -0.11 6.08
C ASN A 216 -19.02 0.57 6.24
N ARG A 217 -19.01 1.90 6.19
CA ARG A 217 -20.24 2.68 6.17
C ARG A 217 -20.20 3.63 4.96
N PRO A 218 -20.17 3.08 3.72
CA PRO A 218 -20.01 3.91 2.52
C PRO A 218 -21.17 4.87 2.26
N GLN A 219 -22.37 4.48 2.71
CA GLN A 219 -23.55 5.32 2.51
C GLN A 219 -23.41 6.62 3.34
N GLU A 220 -22.94 6.47 4.57
CA GLU A 220 -22.68 7.61 5.46
C GLU A 220 -21.49 8.41 4.93
N ALA A 221 -20.47 7.72 4.38
CA ALA A 221 -19.29 8.39 3.85
C ALA A 221 -19.70 9.33 2.72
N LEU A 222 -20.55 8.83 1.81
CA LEU A 222 -21.01 9.64 0.67
C LEU A 222 -21.70 10.91 1.16
N GLU A 223 -22.38 10.85 2.31
CA GLU A 223 -23.00 12.06 2.82
C GLU A 223 -21.96 13.10 3.19
N ALA A 224 -20.96 12.68 3.97
CA ALA A 224 -19.80 13.49 4.33
C ALA A 224 -19.10 14.03 3.08
N TYR A 225 -18.89 13.18 2.07
CA TYR A 225 -18.14 13.62 0.89
C TYR A 225 -18.87 14.73 0.16
N ASN A 226 -20.22 14.65 0.14
CA ASN A 226 -21.02 15.65 -0.57
C ASN A 226 -20.92 16.97 0.16
N ARG A 227 -20.80 16.91 1.51
CA ARG A 227 -20.54 18.14 2.28
C ARG A 227 -19.19 18.74 1.88
N ALA A 228 -18.16 17.89 1.72
CA ALA A 228 -16.84 18.45 1.45
C ALA A 228 -16.84 19.11 0.06
N LEU A 229 -17.52 18.46 -0.91
CA LEU A 229 -17.57 18.94 -2.29
C LEU A 229 -18.34 20.25 -2.38
N ASP A 230 -19.36 20.38 -1.54
CA ASP A 230 -20.10 21.64 -1.44
C ASP A 230 -19.13 22.77 -1.07
N ILE A 231 -18.18 22.50 -0.18
CA ILE A 231 -17.24 23.51 0.28
C ILE A 231 -16.13 23.72 -0.73
N ASN A 232 -15.55 22.63 -1.27
CA ASN A 232 -14.47 22.71 -2.25
C ASN A 232 -14.86 21.84 -3.43
N PRO A 233 -15.46 22.44 -4.49
CA PRO A 233 -15.96 21.66 -5.62
C PRO A 233 -14.84 21.06 -6.46
N GLY A 234 -13.60 21.49 -6.22
CA GLY A 234 -12.48 20.92 -6.95
C GLY A 234 -11.69 19.92 -6.13
N TYR A 235 -12.29 19.38 -5.05
CA TYR A 235 -11.58 18.51 -4.11
C TYR A 235 -11.43 17.10 -4.70
N VAL A 236 -10.36 16.91 -5.46
CA VAL A 236 -10.17 15.71 -6.27
C VAL A 236 -10.10 14.48 -5.38
N ARG A 237 -9.46 14.62 -4.21
CA ARG A 237 -9.31 13.52 -3.26
C ARG A 237 -10.69 13.02 -2.82
N VAL A 238 -11.65 13.95 -2.66
CA VAL A 238 -12.99 13.58 -2.24
C VAL A 238 -13.63 12.78 -3.38
N MET A 239 -13.36 13.18 -4.62
CA MET A 239 -13.97 12.53 -5.76
C MET A 239 -13.42 11.10 -5.90
N TYR A 240 -12.13 10.96 -5.63
CA TYR A 240 -11.50 9.63 -5.58
C TYR A 240 -12.16 8.76 -4.52
N ASN A 241 -12.37 9.30 -3.31
CA ASN A 241 -13.00 8.57 -2.22
C ASN A 241 -14.45 8.19 -2.55
N MET A 242 -15.16 9.06 -3.27
CA MET A 242 -16.51 8.74 -3.72
C MET A 242 -16.52 7.48 -4.59
N ALA A 243 -15.57 7.41 -5.55
CA ALA A 243 -15.40 6.25 -6.40
C ALA A 243 -15.13 5.02 -5.52
N VAL A 244 -14.29 5.18 -4.49
CA VAL A 244 -13.98 4.07 -3.61
C VAL A 244 -15.25 3.57 -2.93
N SER A 245 -16.06 4.50 -2.40
CA SER A 245 -17.27 4.11 -1.72
C SER A 245 -18.20 3.36 -2.68
N TYR A 246 -18.43 3.92 -3.87
CA TYR A 246 -19.30 3.24 -4.82
C TYR A 246 -18.76 1.85 -5.15
N SER A 247 -17.44 1.78 -5.33
CA SER A 247 -16.78 0.53 -5.64
C SER A 247 -17.00 -0.47 -4.50
N ASN A 248 -16.87 -0.02 -3.24
CA ASN A 248 -17.02 -0.95 -2.13
C ASN A 248 -18.47 -1.43 -2.05
N MET A 249 -19.40 -0.64 -2.60
CA MET A 249 -20.80 -1.00 -2.64
C MET A 249 -21.16 -1.81 -3.88
N ALA A 250 -20.16 -2.11 -4.71
CA ALA A 250 -20.33 -2.90 -5.92
C ALA A 250 -21.18 -2.18 -6.96
N GLN A 251 -21.16 -0.84 -6.91
CA GLN A 251 -21.87 0.01 -7.84
C GLN A 251 -20.85 0.46 -8.89
N TYR A 252 -20.40 -0.50 -9.69
CA TYR A 252 -19.22 -0.29 -10.51
C TYR A 252 -19.39 0.84 -11.52
N PRO A 253 -20.48 0.89 -12.31
CA PRO A 253 -20.66 1.98 -13.28
C PRO A 253 -20.60 3.35 -12.63
N LEU A 254 -21.26 3.56 -11.46
CA LEU A 254 -21.15 4.81 -10.71
C LEU A 254 -19.73 5.06 -10.23
N ALA A 255 -19.00 4.02 -9.82
CA ALA A 255 -17.61 4.23 -9.42
C ALA A 255 -16.77 4.69 -10.60
N ALA A 256 -16.93 4.03 -11.76
CA ALA A 256 -16.18 4.35 -12.97
C ALA A 256 -16.42 5.80 -13.39
N LYS A 257 -17.66 6.30 -13.21
CA LYS A 257 -17.96 7.67 -13.58
C LYS A 257 -17.25 8.65 -12.63
N HIS A 258 -17.27 8.34 -11.33
CA HIS A 258 -16.69 9.22 -10.34
C HIS A 258 -15.18 9.29 -10.51
N ILE A 259 -14.54 8.15 -10.85
CA ILE A 259 -13.08 8.12 -10.96
C ILE A 259 -12.66 8.87 -12.23
N THR A 260 -13.48 8.73 -13.28
CA THR A 260 -13.27 9.50 -14.50
C THR A 260 -13.29 10.99 -14.17
N ARG A 261 -14.29 11.43 -13.40
CA ARG A 261 -14.37 12.82 -12.97
C ARG A 261 -13.12 13.22 -12.17
N ALA A 262 -12.69 12.35 -11.22
CA ALA A 262 -11.49 12.64 -10.44
C ALA A 262 -10.28 12.85 -11.36
N ILE A 263 -10.12 11.95 -12.32
CA ILE A 263 -9.00 11.98 -13.25
C ILE A 263 -9.01 13.30 -14.03
N ALA A 264 -10.18 13.65 -14.59
CA ALA A 264 -10.31 14.80 -15.47
C ALA A 264 -9.93 16.04 -14.68
N LEU A 265 -10.40 16.12 -13.44
CA LEU A 265 -10.18 17.34 -12.69
C LEU A 265 -8.76 17.37 -12.13
N GLN A 266 -8.20 16.17 -11.86
CA GLN A 266 -6.83 16.15 -11.38
C GLN A 266 -5.86 16.77 -12.40
N ALA A 267 -6.13 16.52 -13.71
CA ALA A 267 -5.30 17.07 -14.77
C ALA A 267 -5.68 18.53 -15.00
N GLY A 268 -6.98 18.80 -14.91
CA GLY A 268 -7.51 20.12 -15.17
C GLY A 268 -7.06 20.66 -16.52
N GLY A 269 -6.70 19.78 -17.45
CA GLY A 269 -6.15 20.25 -18.71
C GLY A 269 -4.85 21.04 -18.58
N THR A 270 -4.14 20.90 -17.45
CA THR A 270 -2.80 21.48 -17.32
C THR A 270 -1.79 20.66 -18.13
N ASN A 271 -2.18 19.45 -18.52
CA ASN A 271 -1.41 18.71 -19.52
C ASN A 271 -0.02 18.35 -18.99
N PRO A 272 0.09 17.70 -17.80
CA PRO A 272 1.39 17.39 -17.21
C PRO A 272 2.27 16.45 -18.03
N GLN A 273 3.60 16.67 -17.97
CA GLN A 273 4.56 15.89 -18.74
C GLN A 273 5.59 15.24 -17.81
N GLY A 274 5.55 15.57 -16.52
CA GLY A 274 6.62 15.17 -15.62
C GLY A 274 6.47 13.74 -15.12
N GLU A 275 7.59 13.22 -14.57
CA GLU A 275 7.60 11.89 -14.01
C GLU A 275 6.72 11.84 -12.76
N GLY A 276 6.73 12.94 -12.00
CA GLY A 276 5.93 13.07 -10.79
C GLY A 276 4.45 12.77 -11.04
N SER A 277 3.86 13.46 -12.03
CA SER A 277 2.45 13.24 -12.32
C SER A 277 2.24 11.85 -12.92
N ARG A 278 3.23 11.40 -13.69
CA ARG A 278 3.19 10.07 -14.29
C ARG A 278 2.86 9.03 -13.23
N ILE A 279 3.57 9.03 -12.10
CA ILE A 279 3.35 8.00 -11.11
C ILE A 279 2.13 8.38 -10.25
N ALA A 280 1.92 9.67 -9.97
CA ALA A 280 0.84 10.03 -9.07
C ALA A 280 -0.54 9.83 -9.70
N THR A 281 -0.65 9.90 -11.04
CA THR A 281 -1.95 9.71 -11.66
C THR A 281 -2.31 8.23 -11.81
N ARG A 282 -1.31 7.36 -11.71
CA ARG A 282 -1.48 5.97 -12.11
C ARG A 282 -2.48 5.26 -11.20
N GLY A 283 -2.53 5.62 -9.92
CA GLY A 283 -3.40 4.96 -8.96
C GLY A 283 -4.89 5.23 -9.22
N LEU A 284 -5.18 6.39 -9.82
CA LEU A 284 -6.54 6.70 -10.22
C LEU A 284 -6.94 5.86 -11.43
N TRP A 285 -6.05 5.79 -12.43
CA TRP A 285 -6.22 4.91 -13.58
C TRP A 285 -6.31 3.43 -13.16
N ASP A 286 -5.54 3.02 -12.14
CA ASP A 286 -5.65 1.66 -11.62
C ASP A 286 -7.08 1.39 -11.13
N LEU A 287 -7.64 2.34 -10.37
CA LEU A 287 -8.99 2.13 -9.85
C LEU A 287 -9.98 2.08 -11.02
N LEU A 288 -9.80 2.92 -12.03
CA LEU A 288 -10.69 2.88 -13.19
C LEU A 288 -10.64 1.50 -13.84
N ARG A 289 -9.42 0.96 -13.98
CA ARG A 289 -9.24 -0.28 -14.72
C ARG A 289 -9.92 -1.44 -13.97
N MET A 290 -9.75 -1.49 -12.64
CA MET A 290 -10.38 -2.51 -11.80
C MET A 290 -11.91 -2.40 -11.92
N THR A 291 -12.43 -1.16 -11.96
CA THR A 291 -13.86 -0.98 -12.06
C THR A 291 -14.36 -1.47 -13.43
N LEU A 292 -13.58 -1.22 -14.49
CA LEU A 292 -13.90 -1.65 -15.84
C LEU A 292 -13.93 -3.18 -15.90
N ASN A 293 -13.00 -3.82 -15.20
CA ASN A 293 -12.99 -5.29 -15.22
C ASN A 293 -14.22 -5.82 -14.48
N LEU A 294 -14.62 -5.16 -13.39
CA LEU A 294 -15.78 -5.62 -12.62
C LEU A 294 -17.08 -5.25 -13.32
N MET A 295 -17.01 -4.43 -14.37
CA MET A 295 -18.20 -4.07 -15.13
C MET A 295 -18.28 -5.00 -16.34
N ASP A 296 -17.30 -5.89 -16.46
CA ASP A 296 -17.24 -6.74 -17.65
C ASP A 296 -17.07 -5.87 -18.89
N ARG A 297 -16.20 -4.86 -18.80
CA ARG A 297 -15.94 -3.98 -19.93
C ARG A 297 -14.45 -3.97 -20.27
N SER A 298 -13.91 -5.15 -20.56
CA SER A 298 -12.49 -5.30 -20.88
C SER A 298 -12.12 -4.59 -22.17
N ASP A 299 -13.11 -4.21 -22.97
CA ASP A 299 -12.87 -3.50 -24.22
C ASP A 299 -12.42 -2.06 -23.95
N LEU A 300 -12.61 -1.59 -22.72
CA LEU A 300 -12.17 -0.24 -22.39
C LEU A 300 -10.82 -0.26 -21.66
N VAL A 301 -10.30 -1.45 -21.39
CA VAL A 301 -9.15 -1.57 -20.50
C VAL A 301 -7.88 -0.94 -21.10
N GLU A 302 -7.67 -1.09 -22.42
CA GLU A 302 -6.43 -0.61 -23.02
C GLU A 302 -6.32 0.93 -22.96
N ALA A 303 -7.45 1.62 -23.21
CA ALA A 303 -7.51 3.07 -23.03
C ALA A 303 -7.12 3.46 -21.60
N SER A 304 -7.51 2.63 -20.63
CA SER A 304 -7.14 2.86 -19.25
C SER A 304 -5.64 2.69 -19.03
N TRP A 305 -5.02 1.82 -19.82
CA TRP A 305 -3.57 1.64 -19.72
C TRP A 305 -2.83 2.85 -20.30
N GLN A 306 -3.35 3.42 -21.39
CA GLN A 306 -2.72 4.57 -22.03
C GLN A 306 -3.12 5.89 -21.37
N GLN A 307 -3.95 5.83 -20.33
CA GLN A 307 -4.41 7.03 -19.62
C GLN A 307 -5.08 8.00 -20.58
N ASP A 308 -5.99 7.49 -21.43
CA ASP A 308 -6.73 8.28 -22.41
C ASP A 308 -8.15 8.51 -21.91
N LEU A 309 -8.40 9.75 -21.53
CA LEU A 309 -9.61 10.18 -20.89
C LEU A 309 -10.79 10.17 -21.88
N THR A 310 -10.52 10.39 -23.19
CA THR A 310 -11.56 10.64 -24.18
C THR A 310 -12.69 9.61 -24.14
N PRO A 311 -12.41 8.29 -24.29
CA PRO A 311 -13.48 7.28 -24.32
C PRO A 311 -14.32 7.19 -23.05
N PHE A 312 -13.75 7.60 -21.93
CA PHE A 312 -14.43 7.54 -20.65
C PHE A 312 -15.35 8.74 -20.47
N LEU A 313 -14.90 9.93 -20.91
CA LEU A 313 -15.75 11.11 -20.94
C LEU A 313 -17.01 10.84 -21.77
N LYS A 314 -16.83 10.18 -22.92
CA LYS A 314 -17.89 9.79 -23.82
C LYS A 314 -18.76 8.74 -23.12
N GLU A 315 -18.10 7.69 -22.61
CA GLU A 315 -18.84 6.56 -22.07
C GLU A 315 -19.72 6.96 -20.89
N PHE A 316 -19.28 7.91 -20.06
CA PHE A 316 -19.97 8.17 -18.80
C PHE A 316 -20.73 9.51 -18.84
N GLY A 317 -20.82 10.11 -20.01
CA GLY A 317 -21.56 11.35 -20.21
C GLY A 317 -20.92 12.52 -19.45
N LEU A 318 -19.59 12.70 -19.62
CA LEU A 318 -18.85 13.73 -18.91
C LEU A 318 -18.11 14.58 -19.94
N GLU A 319 -18.63 14.59 -21.17
CA GLU A 319 -17.96 15.24 -22.29
C GLU A 319 -17.87 16.75 -22.02
N ASP A 320 -18.83 17.29 -21.28
CA ASP A 320 -18.98 18.74 -21.11
C ASP A 320 -17.80 19.26 -20.27
N MET A 321 -17.57 18.59 -19.15
CA MET A 321 -16.54 18.98 -18.20
C MET A 321 -16.58 18.01 -17.01
N ALA A 322 -15.72 16.97 -17.07
CA ALA A 322 -15.37 16.12 -15.93
C ALA A 322 -16.63 15.54 -15.30
N THR B 3 -13.95 -18.18 -12.57
CA THR B 3 -13.85 -16.76 -13.05
C THR B 3 -12.67 -16.04 -12.37
N ASN B 4 -12.62 -14.71 -12.56
CA ASN B 4 -11.89 -13.75 -11.76
C ASN B 4 -10.39 -13.76 -12.06
N TYR B 5 -9.79 -14.93 -12.13
CA TYR B 5 -8.34 -15.00 -12.25
C TYR B 5 -7.94 -14.73 -13.70
N PRO B 6 -7.01 -13.78 -13.96
CA PRO B 6 -6.54 -13.47 -15.32
C PRO B 6 -5.47 -14.45 -15.79
N PHE B 7 -5.91 -15.51 -16.45
CA PHE B 7 -5.01 -16.57 -16.85
C PHE B 7 -4.03 -16.06 -17.91
N GLU B 8 -2.75 -16.43 -17.75
CA GLU B 8 -1.73 -16.14 -18.73
C GLU B 8 -2.06 -16.86 -20.05
N PRO B 9 -2.23 -16.14 -21.18
CA PRO B 9 -2.41 -16.79 -22.49
C PRO B 9 -1.21 -17.63 -22.93
N ASN B 10 0.01 -17.18 -22.65
CA ASN B 10 1.18 -17.94 -23.07
C ASN B 10 1.45 -19.06 -22.08
N ASN B 11 0.70 -20.18 -22.20
CA ASN B 11 0.85 -21.28 -21.26
C ASN B 11 0.93 -22.61 -22.01
N PRO B 12 2.14 -23.17 -22.27
CA PRO B 12 2.25 -24.48 -22.92
C PRO B 12 1.74 -25.64 -22.06
N TYR B 13 1.50 -25.39 -20.77
CA TYR B 13 1.06 -26.47 -19.88
C TYR B 13 -0.39 -26.83 -20.15
N MET B 14 -1.08 -25.96 -20.89
CA MET B 14 -2.48 -26.19 -21.25
C MET B 14 -2.58 -27.38 -22.22
N TYR B 15 -1.44 -27.82 -22.76
CA TYR B 15 -1.43 -28.97 -23.65
C TYR B 15 -0.54 -30.08 -23.09
N HIS B 16 -0.23 -30.03 -21.79
CA HIS B 16 0.53 -31.07 -21.11
C HIS B 16 -0.45 -32.12 -20.57
N ASP B 17 -0.02 -33.39 -20.59
CA ASP B 17 -0.78 -34.50 -20.05
C ASP B 17 -0.97 -34.33 -18.54
N LYS B 18 0.12 -34.00 -17.82
CA LYS B 18 0.13 -34.06 -16.37
C LYS B 18 0.63 -32.75 -15.76
N PRO B 19 -0.11 -31.62 -15.90
CA PRO B 19 0.38 -30.32 -15.44
C PRO B 19 0.65 -30.22 -13.93
N MET B 20 -0.19 -30.86 -13.10
CA MET B 20 -0.03 -30.83 -11.65
C MET B 20 1.31 -31.42 -11.20
N GLU B 21 1.67 -32.60 -11.74
CA GLU B 21 2.96 -33.19 -11.44
C GLU B 21 4.09 -32.32 -12.01
N GLU B 22 3.93 -31.77 -13.22
CA GLU B 22 4.91 -30.83 -13.73
C GLU B 22 5.14 -29.66 -12.76
N GLY B 23 4.04 -29.10 -12.22
CA GLY B 23 4.14 -27.93 -11.36
C GLY B 23 4.91 -28.24 -10.08
N ILE B 24 4.67 -29.41 -9.50
CA ILE B 24 5.31 -29.82 -8.27
C ILE B 24 6.78 -30.12 -8.54
N ALA B 25 7.09 -30.68 -9.75
CA ALA B 25 8.49 -30.86 -10.14
C ALA B 25 9.17 -29.49 -10.31
N MET B 26 8.45 -28.53 -10.88
CA MET B 26 9.00 -27.19 -11.03
C MET B 26 9.26 -26.53 -9.65
N LEU B 27 8.37 -26.74 -8.67
CA LEU B 27 8.65 -26.20 -7.32
C LEU B 27 9.95 -26.79 -6.78
N GLN B 28 10.10 -28.11 -6.89
CA GLN B 28 11.30 -28.84 -6.50
C GLN B 28 12.52 -28.33 -7.27
N LEU B 29 12.34 -27.90 -8.51
CA LEU B 29 13.48 -27.37 -9.23
C LEU B 29 13.68 -25.87 -8.96
N ALA B 30 12.84 -25.29 -8.08
CA ALA B 30 12.98 -23.90 -7.66
C ALA B 30 12.61 -22.97 -8.79
N ASN B 31 11.68 -23.38 -9.65
N ASN B 31 11.63 -23.35 -9.60
CA ASN B 31 11.27 -22.47 -10.72
CA ASN B 31 11.21 -22.58 -10.77
C ASN B 31 9.81 -22.05 -10.55
C ASN B 31 9.78 -22.03 -10.59
N MET B 32 9.62 -20.93 -9.85
CA MET B 32 8.29 -20.45 -9.47
C MET B 32 7.48 -20.05 -10.70
N ALA B 33 8.08 -19.35 -11.66
CA ALA B 33 7.32 -18.87 -12.80
C ALA B 33 6.69 -20.02 -13.58
N GLU B 34 7.49 -21.08 -13.78
CA GLU B 34 7.07 -22.28 -14.50
C GLU B 34 6.04 -23.04 -13.67
N ALA B 35 6.25 -23.09 -12.35
CA ALA B 35 5.34 -23.82 -11.48
C ALA B 35 3.95 -23.16 -11.50
N ALA B 36 3.89 -21.82 -11.50
CA ALA B 36 2.63 -21.08 -11.54
C ALA B 36 1.87 -21.29 -12.86
N LEU B 37 2.57 -21.31 -14.00
CA LEU B 37 1.91 -21.59 -15.27
C LEU B 37 1.28 -22.98 -15.23
N ALA B 38 2.02 -23.95 -14.68
CA ALA B 38 1.53 -25.32 -14.63
C ALA B 38 0.28 -25.40 -13.72
N PHE B 39 0.32 -24.71 -12.56
CA PHE B 39 -0.86 -24.76 -11.69
C PHE B 39 -2.02 -23.98 -12.33
N GLU B 40 -1.70 -22.90 -13.06
CA GLU B 40 -2.72 -22.17 -13.79
C GLU B 40 -3.41 -23.13 -14.76
N ALA B 41 -2.64 -24.00 -15.42
CA ALA B 41 -3.23 -24.89 -16.41
C ALA B 41 -4.19 -25.87 -15.71
N VAL B 42 -3.81 -26.30 -14.50
CA VAL B 42 -4.62 -27.24 -13.74
C VAL B 42 -5.92 -26.56 -13.30
N CYS B 43 -5.84 -25.27 -12.91
CA CYS B 43 -6.99 -24.52 -12.44
C CYS B 43 -8.00 -24.31 -13.57
N GLN B 44 -7.47 -24.19 -14.80
CA GLN B 44 -8.30 -24.00 -15.97
C GLN B 44 -8.96 -25.33 -16.31
N LYS B 45 -8.22 -26.43 -16.21
CA LYS B 45 -8.71 -27.74 -16.60
C LYS B 45 -9.62 -28.33 -15.52
N GLU B 46 -9.24 -28.18 -14.23
CA GLU B 46 -10.03 -28.71 -13.12
C GLU B 46 -10.36 -27.58 -12.14
N PRO B 47 -11.39 -26.76 -12.43
CA PRO B 47 -11.69 -25.59 -11.60
C PRO B 47 -12.14 -25.84 -10.16
N GLU B 48 -12.44 -27.11 -9.81
CA GLU B 48 -12.84 -27.42 -8.44
C GLU B 48 -11.68 -28.06 -7.67
N ASN B 49 -10.50 -28.04 -8.28
CA ASN B 49 -9.33 -28.66 -7.68
C ASN B 49 -8.76 -27.70 -6.64
N VAL B 50 -8.95 -28.06 -5.37
N VAL B 50 -8.94 -28.04 -5.37
CA VAL B 50 -8.58 -27.20 -4.25
CA VAL B 50 -8.57 -27.14 -4.28
C VAL B 50 -7.06 -26.99 -4.25
C VAL B 50 -7.05 -27.00 -4.20
N GLU B 51 -6.34 -28.11 -4.42
CA GLU B 51 -4.89 -28.14 -4.31
C GLU B 51 -4.26 -27.27 -5.40
N ALA B 52 -4.80 -27.33 -6.63
CA ALA B 52 -4.26 -26.57 -7.73
C ALA B 52 -4.41 -25.07 -7.44
N TRP B 53 -5.57 -24.65 -6.94
CA TRP B 53 -5.77 -23.24 -6.62
C TRP B 53 -4.86 -22.83 -5.47
N ARG B 54 -4.71 -23.70 -4.46
CA ARG B 54 -3.88 -23.35 -3.32
CA ARG B 54 -3.88 -23.39 -3.30
C ARG B 54 -2.42 -23.20 -3.74
N ARG B 55 -1.93 -24.11 -4.59
CA ARG B 55 -0.55 -24.12 -5.02
C ARG B 55 -0.27 -22.94 -5.94
N LEU B 56 -1.21 -22.67 -6.86
CA LEU B 56 -1.13 -21.45 -7.66
C LEU B 56 -0.98 -20.24 -6.73
N GLY B 57 -1.85 -20.15 -5.71
CA GLY B 57 -1.79 -19.03 -4.78
C GLY B 57 -0.47 -18.90 -4.06
N THR B 58 0.05 -19.99 -3.44
CA THR B 58 1.30 -19.90 -2.69
C THR B 58 2.47 -19.61 -3.62
N THR B 59 2.44 -20.18 -4.82
CA THR B 59 3.51 -19.99 -5.80
C THR B 59 3.53 -18.54 -6.27
N GLN B 60 2.37 -17.93 -6.49
CA GLN B 60 2.39 -16.53 -6.93
C GLN B 60 2.89 -15.60 -5.82
N ALA B 61 2.56 -15.90 -4.56
CA ALA B 61 3.12 -15.11 -3.47
C ALA B 61 4.64 -15.21 -3.52
N GLU B 62 5.15 -16.44 -3.65
CA GLU B 62 6.58 -16.66 -3.70
C GLU B 62 7.21 -15.98 -4.90
N ASN B 63 6.38 -15.77 -5.94
CA ASN B 63 6.87 -15.18 -7.18
C ASN B 63 6.60 -13.67 -7.19
N GLU B 64 6.21 -13.12 -6.02
CA GLU B 64 6.10 -11.68 -5.80
C GLU B 64 4.90 -11.12 -6.58
N LYS B 65 3.74 -11.78 -6.47
CA LYS B 65 2.51 -11.37 -7.12
C LYS B 65 1.34 -11.60 -6.17
N ASP B 66 1.30 -10.84 -5.08
CA ASP B 66 0.30 -11.06 -4.04
C ASP B 66 -1.13 -10.92 -4.58
N CME B 67 -1.36 -9.97 -5.50
CA CME B 67 -2.70 -9.73 -6.00
CB CME B 67 -2.78 -8.43 -6.81
SG CME B 67 -1.97 -8.47 -8.44
SD CME B 67 -0.04 -9.16 -8.21
CE CME B 67 1.09 -7.90 -7.53
CZ CME B 67 0.86 -7.65 -6.06
OH CME B 67 0.22 -6.43 -5.79
C CME B 67 -3.21 -10.97 -6.76
O CME B 67 -4.35 -11.38 -6.55
N LEU B 68 -2.37 -11.62 -7.58
CA LEU B 68 -2.77 -12.90 -8.17
C LEU B 68 -2.92 -14.01 -7.13
N ALA B 69 -2.03 -13.99 -6.14
CA ALA B 69 -2.06 -14.97 -5.08
C ALA B 69 -3.41 -14.93 -4.39
N ILE B 70 -3.86 -13.72 -4.00
CA ILE B 70 -5.11 -13.60 -3.25
C ILE B 70 -6.28 -14.12 -4.07
N ILE B 71 -6.33 -13.79 -5.38
CA ILE B 71 -7.46 -14.24 -6.20
C ILE B 71 -7.47 -15.77 -6.18
N ALA B 72 -6.29 -16.40 -6.36
CA ALA B 72 -6.20 -17.85 -6.40
C ALA B 72 -6.62 -18.48 -5.06
N LEU B 73 -6.12 -17.92 -3.95
CA LEU B 73 -6.38 -18.48 -2.64
C LEU B 73 -7.87 -18.29 -2.25
N ASN B 74 -8.50 -17.21 -2.77
CA ASN B 74 -9.92 -16.97 -2.56
C ASN B 74 -10.78 -18.06 -3.21
N HIS B 75 -10.38 -18.54 -4.40
CA HIS B 75 -11.02 -19.69 -5.03
C HIS B 75 -10.89 -20.95 -4.15
N ALA B 76 -9.67 -21.26 -3.73
CA ALA B 76 -9.34 -22.41 -2.90
C ALA B 76 -10.22 -22.42 -1.65
N ARG B 77 -10.31 -21.25 -1.02
CA ARG B 77 -11.10 -21.05 0.19
C ARG B 77 -12.61 -21.32 -0.03
N MET B 78 -13.14 -20.85 -1.16
N MET B 78 -13.17 -20.84 -1.15
CA MET B 78 -14.54 -21.09 -1.50
CA MET B 78 -14.55 -21.10 -1.59
C MET B 78 -14.79 -22.60 -1.60
C MET B 78 -14.80 -22.61 -1.61
N LEU B 79 -13.90 -23.33 -2.27
CA LEU B 79 -14.03 -24.77 -2.46
C LEU B 79 -13.83 -25.50 -1.13
N ASP B 80 -12.91 -25.01 -0.29
CA ASP B 80 -12.66 -25.70 0.96
C ASP B 80 -12.35 -24.66 2.04
N PRO B 81 -13.37 -24.26 2.82
CA PRO B 81 -13.19 -23.21 3.82
C PRO B 81 -12.46 -23.67 5.06
N LYS B 82 -12.08 -24.96 5.11
CA LYS B 82 -11.30 -25.47 6.23
C LYS B 82 -9.83 -25.67 5.85
N ASP B 83 -9.44 -25.29 4.62
CA ASP B 83 -8.07 -25.53 4.19
C ASP B 83 -7.15 -24.57 4.95
N ILE B 84 -6.34 -25.14 5.83
CA ILE B 84 -5.55 -24.43 6.82
C ILE B 84 -4.44 -23.64 6.14
N ALA B 85 -3.81 -24.28 5.15
CA ALA B 85 -2.70 -23.64 4.46
C ALA B 85 -3.21 -22.43 3.67
N VAL B 86 -4.46 -22.50 3.16
CA VAL B 86 -5.05 -21.39 2.42
C VAL B 86 -5.21 -20.19 3.35
N HIS B 87 -5.79 -20.42 4.56
CA HIS B 87 -5.93 -19.34 5.53
C HIS B 87 -4.58 -18.73 5.90
N ALA B 88 -3.54 -19.58 6.06
CA ALA B 88 -2.22 -19.09 6.43
C ALA B 88 -1.67 -18.19 5.31
N ALA B 89 -1.80 -18.62 4.05
CA ALA B 89 -1.31 -17.82 2.95
C ALA B 89 -2.06 -16.49 2.79
N LEU B 90 -3.40 -16.52 2.92
CA LEU B 90 -4.23 -15.32 2.84
C LEU B 90 -3.87 -14.34 3.94
N ALA B 91 -3.61 -14.85 5.14
CA ALA B 91 -3.26 -13.94 6.24
C ALA B 91 -2.00 -13.16 5.87
N VAL B 92 -1.06 -13.85 5.23
CA VAL B 92 0.22 -13.26 4.86
C VAL B 92 0.01 -12.24 3.74
N SER B 93 -0.61 -12.65 2.64
CA SER B 93 -0.77 -11.76 1.49
C SER B 93 -1.64 -10.56 1.85
N HIS B 94 -2.64 -10.75 2.72
CA HIS B 94 -3.45 -9.62 3.16
C HIS B 94 -2.61 -8.66 3.97
N THR B 95 -1.72 -9.18 4.85
CA THR B 95 -0.87 -8.31 5.65
C THR B 95 -0.01 -7.44 4.75
N ASN B 96 0.53 -8.03 3.67
CA ASN B 96 1.42 -7.35 2.74
C ASN B 96 0.67 -6.22 2.01
N GLU B 97 -0.61 -6.46 1.71
CA GLU B 97 -1.42 -5.52 0.94
C GLU B 97 -2.18 -4.58 1.90
N HIS B 98 -1.78 -4.57 3.18
CA HIS B 98 -2.34 -3.69 4.20
C HIS B 98 -3.84 -3.91 4.44
N ASN B 99 -4.43 -5.01 3.94
CA ASN B 99 -5.81 -5.33 4.24
C ASN B 99 -5.89 -5.90 5.66
N VAL B 100 -5.97 -5.01 6.67
CA VAL B 100 -5.80 -5.47 8.04
C VAL B 100 -6.94 -6.38 8.52
N GLY B 101 -8.16 -6.06 8.08
CA GLY B 101 -9.35 -6.76 8.52
C GLY B 101 -9.41 -8.16 7.93
N ALA B 102 -9.10 -8.27 6.63
CA ALA B 102 -9.04 -9.55 5.97
C ALA B 102 -7.92 -10.41 6.58
N ALA B 103 -6.80 -9.80 7.01
CA ALA B 103 -5.69 -10.54 7.59
C ALA B 103 -6.07 -11.11 8.95
N LEU B 104 -6.73 -10.28 9.77
CA LEU B 104 -7.30 -10.74 11.03
C LEU B 104 -8.29 -11.89 10.85
N GLN B 105 -9.23 -11.75 9.90
CA GLN B 105 -10.19 -12.80 9.62
C GLN B 105 -9.47 -14.07 9.19
N SER B 106 -8.43 -13.96 8.36
CA SER B 106 -7.73 -15.16 7.91
C SER B 106 -6.98 -15.83 9.06
N LEU B 107 -6.34 -15.05 9.96
CA LEU B 107 -5.68 -15.61 11.15
C LEU B 107 -6.66 -16.38 12.03
N ARG B 108 -7.87 -15.85 12.22
CA ARG B 108 -8.87 -16.52 13.03
C ARG B 108 -9.29 -17.83 12.36
N SER B 109 -9.59 -17.77 11.05
CA SER B 109 -10.00 -18.96 10.32
C SER B 109 -8.88 -20.00 10.31
N TRP B 110 -7.63 -19.55 10.26
CA TRP B 110 -6.48 -20.45 10.33
C TRP B 110 -6.47 -21.27 11.63
N LEU B 111 -6.57 -20.58 12.78
CA LEU B 111 -6.55 -21.22 14.09
C LEU B 111 -7.75 -22.15 14.31
N LEU B 112 -8.95 -21.63 14.01
CA LEU B 112 -10.19 -22.26 14.39
C LEU B 112 -10.57 -23.39 13.41
N SER B 113 -9.95 -23.43 12.23
CA SER B 113 -10.12 -24.55 11.29
C SER B 113 -9.28 -25.75 11.68
N GLN B 114 -8.41 -25.59 12.70
CA GLN B 114 -7.56 -26.68 13.15
C GLN B 114 -8.25 -27.48 14.25
N PRO B 115 -8.47 -28.78 14.06
CA PRO B 115 -9.08 -29.61 15.11
C PRO B 115 -8.33 -29.44 16.44
N GLN B 116 -6.99 -29.32 16.40
CA GLN B 116 -6.23 -29.09 17.61
C GLN B 116 -6.73 -27.85 18.37
N TYR B 117 -7.19 -26.82 17.66
CA TYR B 117 -7.42 -25.51 18.28
C TYR B 117 -8.90 -25.10 18.27
N GLU B 118 -9.78 -25.88 17.66
CA GLU B 118 -11.10 -25.34 17.35
C GLU B 118 -11.92 -25.08 18.61
N HIS B 119 -11.59 -25.79 19.70
CA HIS B 119 -12.29 -25.62 20.97
C HIS B 119 -12.10 -24.21 21.51
N LEU B 120 -11.00 -23.54 21.14
CA LEU B 120 -10.71 -22.16 21.55
C LEU B 120 -11.77 -21.19 21.04
N GLY B 121 -12.49 -21.59 19.99
CA GLY B 121 -13.58 -20.79 19.46
C GLY B 121 -14.75 -20.66 20.43
N LEU B 122 -14.90 -21.67 21.30
CA LEU B 122 -15.99 -21.73 22.26
C LEU B 122 -15.69 -20.91 23.51
N VAL B 123 -14.42 -20.52 23.70
CA VAL B 123 -14.02 -19.70 24.85
C VAL B 123 -14.67 -18.32 24.74
N ASP B 124 -15.18 -17.83 25.88
CA ASP B 124 -15.95 -16.59 25.92
C ASP B 124 -15.01 -15.44 26.31
N PRO B 147 -7.74 -2.78 16.85
CA PRO B 147 -9.13 -2.78 17.35
C PRO B 147 -9.38 -3.98 18.26
N SER B 148 -10.67 -4.30 18.47
CA SER B 148 -11.11 -5.37 19.35
C SER B 148 -10.92 -6.75 18.71
N GLU B 149 -10.92 -6.82 17.37
CA GLU B 149 -10.62 -8.08 16.70
C GLU B 149 -9.17 -8.47 16.99
N TYR B 150 -8.27 -7.47 16.99
CA TYR B 150 -6.85 -7.67 17.20
C TYR B 150 -6.58 -8.20 18.62
N ARG B 151 -7.38 -7.75 19.60
CA ARG B 151 -7.24 -8.24 20.95
C ARG B 151 -7.72 -9.69 21.01
N ASP B 152 -8.82 -10.01 20.32
CA ASP B 152 -9.38 -11.35 20.23
C ASP B 152 -8.38 -12.36 19.65
N CYS B 153 -7.81 -12.04 18.47
CA CYS B 153 -6.73 -12.80 17.89
C CYS B 153 -5.61 -13.00 18.88
N CME B 154 -5.24 -11.97 19.66
CA CME B 154 -4.17 -12.11 20.64
CB CME B 154 -3.91 -10.85 21.46
SG CME B 154 -3.27 -9.52 20.43
SD CME B 154 -1.26 -10.01 20.86
CE CME B 154 -0.05 -9.50 22.12
CZ CME B 154 0.01 -8.05 22.49
OH CME B 154 0.72 -7.23 21.56
C CME B 154 -4.51 -13.17 21.68
O CME B 154 -3.68 -14.02 21.99
N THR B 155 -5.70 -13.05 22.26
CA THR B 155 -6.15 -13.99 23.29
C THR B 155 -6.15 -15.40 22.75
N LEU B 156 -6.82 -15.58 21.60
CA LEU B 156 -6.93 -16.90 21.00
C LEU B 156 -5.52 -17.49 20.75
N LEU B 157 -4.59 -16.73 20.14
CA LEU B 157 -3.29 -17.25 19.77
C LEU B 157 -2.43 -17.52 21.00
N TYR B 158 -2.55 -16.68 22.03
CA TYR B 158 -1.78 -16.84 23.24
C TYR B 158 -2.30 -18.02 24.06
N ALA B 159 -3.63 -18.22 24.04
CA ALA B 159 -4.22 -19.43 24.62
C ALA B 159 -3.71 -20.68 23.91
N ALA B 160 -3.60 -20.64 22.58
CA ALA B 160 -3.12 -21.79 21.82
C ALA B 160 -1.66 -22.10 22.16
N VAL B 161 -0.86 -21.03 22.26
CA VAL B 161 0.54 -21.17 22.61
C VAL B 161 0.68 -21.79 24.01
N GLU B 162 -0.26 -21.46 24.91
CA GLU B 162 -0.20 -21.98 26.26
C GLU B 162 -0.43 -23.50 26.27
N MET B 163 -1.34 -24.00 25.44
CA MET B 163 -1.56 -25.43 25.43
C MET B 163 -0.57 -26.17 24.52
N ASN B 164 0.09 -25.47 23.58
CA ASN B 164 0.93 -26.15 22.59
C ASN B 164 2.10 -25.24 22.21
N PRO B 165 2.99 -24.87 23.16
CA PRO B 165 4.04 -23.87 22.93
C PRO B 165 5.07 -24.14 21.82
N ASN B 166 5.21 -25.40 21.40
CA ASN B 166 6.24 -25.76 20.42
C ASN B 166 5.66 -26.02 19.03
N ASP B 167 4.46 -25.49 18.76
CA ASP B 167 3.99 -25.43 17.39
C ASP B 167 4.60 -24.19 16.73
N PRO B 168 5.56 -24.36 15.78
CA PRO B 168 6.23 -23.21 15.16
C PRO B 168 5.21 -22.29 14.50
N GLN B 169 4.14 -22.88 13.94
CA GLN B 169 3.15 -22.14 13.16
C GLN B 169 2.32 -21.20 14.05
N LEU B 170 2.16 -21.53 15.35
CA LEU B 170 1.53 -20.59 16.27
C LEU B 170 2.41 -19.34 16.40
N HIS B 171 3.74 -19.53 16.48
CA HIS B 171 4.68 -18.43 16.62
C HIS B 171 4.70 -17.60 15.34
N ALA B 172 4.69 -18.28 14.18
CA ALA B 172 4.63 -17.58 12.93
C ALA B 172 3.34 -16.74 12.82
N SER B 173 2.21 -17.24 13.31
CA SER B 173 0.95 -16.49 13.30
C SER B 173 0.99 -15.23 14.16
N LEU B 174 1.62 -15.32 15.31
CA LEU B 174 1.84 -14.17 16.17
C LEU B 174 2.75 -13.17 15.45
N GLY B 175 3.73 -13.68 14.70
CA GLY B 175 4.60 -12.84 13.90
C GLY B 175 3.77 -12.06 12.86
N VAL B 176 2.82 -12.73 12.23
CA VAL B 176 1.95 -12.03 11.30
C VAL B 176 1.13 -10.99 12.08
N LEU B 177 0.56 -11.40 13.21
CA LEU B 177 -0.29 -10.52 14.02
C LEU B 177 0.49 -9.25 14.42
N HIS B 178 1.73 -9.45 14.85
CA HIS B 178 2.56 -8.36 15.30
C HIS B 178 3.03 -7.48 14.14
N ASN B 179 3.07 -8.00 12.92
CA ASN B 179 3.34 -7.17 11.75
C ASN B 179 2.17 -6.24 11.47
N LEU B 180 0.95 -6.75 11.67
CA LEU B 180 -0.26 -6.02 11.34
C LEU B 180 -0.38 -4.76 12.21
N SER B 181 0.20 -4.82 13.41
CA SER B 181 0.14 -3.76 14.40
C SER B 181 1.48 -3.01 14.46
N HIS B 182 2.34 -3.23 13.44
CA HIS B 182 3.60 -2.53 13.31
C HIS B 182 4.46 -2.70 14.56
N ARG B 183 4.28 -3.83 15.26
CA ARG B 183 5.14 -4.21 16.37
C ARG B 183 6.18 -5.21 15.86
N PHE B 184 7.22 -4.69 15.20
CA PHE B 184 8.18 -5.47 14.42
C PHE B 184 9.25 -6.11 15.29
N ASP B 185 9.60 -5.49 16.42
CA ASP B 185 10.53 -6.15 17.31
C ASP B 185 9.90 -7.40 17.93
N GLU B 186 8.60 -7.33 18.24
CA GLU B 186 7.92 -8.47 18.83
C GLU B 186 7.78 -9.57 17.77
N ALA B 187 7.27 -9.19 16.58
CA ALA B 187 7.15 -10.10 15.44
C ALA B 187 8.49 -10.84 15.22
N ALA B 188 9.62 -10.13 15.35
CA ALA B 188 10.90 -10.76 15.05
C ALA B 188 11.22 -11.85 16.07
N LYS B 189 10.81 -11.62 17.31
CA LYS B 189 10.95 -12.62 18.36
C LYS B 189 10.11 -13.85 18.01
N ASN B 190 8.87 -13.62 17.58
CA ASN B 190 7.97 -14.68 17.16
C ASN B 190 8.62 -15.50 16.03
N PHE B 191 9.19 -14.83 15.03
CA PHE B 191 9.65 -15.56 13.86
C PHE B 191 10.94 -16.29 14.18
N ARG B 192 11.71 -15.73 15.13
CA ARG B 192 12.93 -16.36 15.59
CA ARG B 192 12.93 -16.39 15.55
C ARG B 192 12.57 -17.68 16.27
N ARG B 193 11.48 -17.63 17.05
CA ARG B 193 11.06 -18.83 17.76
C ARG B 193 10.61 -19.86 16.72
N ALA B 194 9.85 -19.40 15.72
CA ALA B 194 9.37 -20.29 14.68
C ALA B 194 10.54 -20.93 13.94
N VAL B 195 11.58 -20.18 13.55
CA VAL B 195 12.67 -20.85 12.82
C VAL B 195 13.52 -21.76 13.72
N GLU B 196 13.60 -21.46 15.02
CA GLU B 196 14.31 -22.37 15.92
C GLU B 196 13.61 -23.72 15.94
N LEU B 197 12.27 -23.69 15.97
CA LEU B 197 11.53 -24.94 16.00
C LEU B 197 11.55 -25.64 14.65
N ARG B 198 11.57 -24.87 13.56
CA ARG B 198 11.52 -25.48 12.24
C ARG B 198 12.46 -24.71 11.30
N PRO B 199 13.78 -24.97 11.36
CA PRO B 199 14.76 -24.15 10.64
C PRO B 199 14.89 -24.39 9.13
N ASP B 200 14.23 -25.41 8.59
CA ASP B 200 14.33 -25.68 7.17
C ASP B 200 13.16 -25.06 6.39
N ASP B 201 12.33 -24.24 7.04
CA ASP B 201 11.20 -23.58 6.38
C ASP B 201 11.64 -22.25 5.74
N ALA B 202 11.82 -22.23 4.42
CA ALA B 202 12.26 -21.01 3.72
C ALA B 202 11.30 -19.84 3.97
N HIS B 203 9.99 -20.11 4.03
CA HIS B 203 9.01 -19.04 4.17
C HIS B 203 9.18 -18.35 5.52
N THR B 204 9.49 -19.13 6.55
CA THR B 204 9.65 -18.56 7.88
C THR B 204 10.89 -17.66 7.92
N TRP B 205 11.95 -18.05 7.19
CA TRP B 205 13.15 -17.24 7.16
C TRP B 205 12.85 -15.91 6.47
N ASN B 206 12.06 -15.98 5.39
CA ASN B 206 11.69 -14.78 4.65
C ASN B 206 10.92 -13.85 5.56
N LYS B 207 10.00 -14.43 6.34
CA LYS B 207 9.11 -13.65 7.19
C LYS B 207 9.92 -12.99 8.31
N LEU B 208 10.93 -13.66 8.84
CA LEU B 208 11.81 -13.07 9.85
C LEU B 208 12.58 -11.92 9.22
N GLY B 209 13.08 -12.15 7.99
CA GLY B 209 13.83 -11.13 7.29
C GLY B 209 12.98 -9.89 7.03
N ALA B 210 11.77 -10.08 6.50
CA ALA B 210 10.92 -8.95 6.16
C ALA B 210 10.59 -8.19 7.43
N THR B 211 10.28 -8.94 8.49
CA THR B 211 10.02 -8.33 9.78
C THR B 211 11.19 -7.48 10.27
N LEU B 212 12.42 -7.97 10.17
CA LEU B 212 13.58 -7.22 10.63
C LEU B 212 13.75 -5.92 9.84
N ALA B 213 13.74 -6.04 8.51
CA ALA B 213 13.77 -4.87 7.63
C ALA B 213 12.70 -3.85 8.02
N ASN B 214 11.46 -4.31 8.21
CA ASN B 214 10.36 -3.41 8.52
C ASN B 214 10.61 -2.75 9.88
N GLY B 215 11.37 -3.43 10.76
CA GLY B 215 11.76 -2.85 12.02
C GLY B 215 13.13 -2.17 11.97
N ASN B 216 13.56 -1.80 10.75
CA ASN B 216 14.77 -1.01 10.52
C ASN B 216 16.01 -1.76 10.98
N ARG B 217 16.05 -3.06 10.72
CA ARG B 217 17.25 -3.87 10.94
C ARG B 217 17.59 -4.58 9.62
N PRO B 218 17.94 -3.83 8.54
CA PRO B 218 18.15 -4.43 7.21
C PRO B 218 19.35 -5.37 7.14
N GLN B 219 20.36 -5.10 7.97
N GLN B 219 20.37 -5.07 7.96
CA GLN B 219 21.56 -5.93 8.03
CA GLN B 219 21.57 -5.89 8.10
C GLN B 219 21.19 -7.33 8.54
C GLN B 219 21.16 -7.29 8.52
N GLU B 220 20.36 -7.38 9.59
CA GLU B 220 19.89 -8.67 10.12
C GLU B 220 18.93 -9.34 9.14
N ALA B 221 18.11 -8.53 8.44
CA ALA B 221 17.18 -9.08 7.46
C ALA B 221 17.95 -9.83 6.36
N LEU B 222 19.02 -9.21 5.85
CA LEU B 222 19.85 -9.83 4.81
C LEU B 222 20.38 -11.20 5.27
N GLU B 223 20.67 -11.34 6.57
CA GLU B 223 21.15 -12.63 7.04
C GLU B 223 20.07 -13.68 6.91
N ALA B 224 18.86 -13.37 7.42
CA ALA B 224 17.69 -14.23 7.25
C ALA B 224 17.42 -14.53 5.76
N TYR B 225 17.51 -13.51 4.88
CA TYR B 225 17.18 -13.71 3.47
C TYR B 225 18.13 -14.71 2.83
N ASN B 226 19.40 -14.71 3.27
CA ASN B 226 20.41 -15.61 2.72
C ASN B 226 20.10 -17.03 3.18
N ARG B 227 19.54 -17.18 4.39
CA ARG B 227 19.07 -18.49 4.81
C ARG B 227 17.92 -18.98 3.95
N ALA B 228 17.00 -18.06 3.58
CA ALA B 228 15.84 -18.50 2.83
C ALA B 228 16.27 -18.95 1.43
N LEU B 229 17.23 -18.22 0.84
CA LEU B 229 17.68 -18.45 -0.52
C LEU B 229 18.46 -19.76 -0.58
N ASP B 230 19.18 -20.06 0.51
CA ASP B 230 19.87 -21.33 0.62
C ASP B 230 18.87 -22.48 0.47
N ILE B 231 17.67 -22.32 1.04
CA ILE B 231 16.66 -23.38 1.01
C ILE B 231 15.90 -23.35 -0.30
N ASN B 232 15.50 -22.17 -0.78
CA ASN B 232 14.77 -22.03 -2.04
C ASN B 232 15.49 -21.00 -2.89
N PRO B 233 16.38 -21.44 -3.80
CA PRO B 233 17.20 -20.51 -4.59
C PRO B 233 16.37 -19.74 -5.61
N GLY B 234 15.14 -20.16 -5.84
CA GLY B 234 14.28 -19.47 -6.79
C GLY B 234 13.25 -18.57 -6.12
N TYR B 235 13.48 -18.25 -4.84
CA TYR B 235 12.52 -17.50 -4.04
C TYR B 235 12.54 -16.02 -4.43
N VAL B 236 11.73 -15.67 -5.43
CA VAL B 236 11.77 -14.37 -6.04
C VAL B 236 11.43 -13.28 -5.02
N ARG B 237 10.44 -13.58 -4.16
CA ARG B 237 10.00 -12.64 -3.13
C ARG B 237 11.17 -12.28 -2.21
N VAL B 238 12.06 -13.27 -1.93
CA VAL B 238 13.20 -12.99 -1.07
C VAL B 238 14.13 -12.03 -1.79
N MET B 239 14.25 -12.20 -3.11
CA MET B 239 15.17 -11.36 -3.87
C MET B 239 14.64 -9.93 -3.93
N TYR B 240 13.32 -9.79 -4.05
CA TYR B 240 12.69 -8.49 -3.98
C TYR B 240 12.96 -7.80 -2.64
N ASN B 241 12.81 -8.55 -1.54
CA ASN B 241 13.07 -8.05 -0.19
C ASN B 241 14.53 -7.66 -0.01
N MET B 242 15.46 -8.42 -0.60
CA MET B 242 16.88 -8.07 -0.54
C MET B 242 17.15 -6.68 -1.14
N ALA B 243 16.55 -6.41 -2.32
CA ALA B 243 16.59 -5.10 -2.95
C ALA B 243 16.03 -4.04 -1.99
N VAL B 244 14.91 -4.35 -1.32
CA VAL B 244 14.34 -3.39 -0.41
C VAL B 244 15.34 -3.07 0.71
N SER B 245 15.95 -4.11 1.28
CA SER B 245 16.88 -3.86 2.38
C SER B 245 18.05 -3.01 1.91
N TYR B 246 18.65 -3.36 0.75
CA TYR B 246 19.77 -2.56 0.27
C TYR B 246 19.32 -1.12 0.08
N SER B 247 18.12 -0.97 -0.49
CA SER B 247 17.54 0.33 -0.76
C SER B 247 17.35 1.11 0.54
N ASN B 248 16.84 0.46 1.59
CA ASN B 248 16.67 1.14 2.87
C ASN B 248 18.02 1.54 3.47
N MET B 249 19.09 0.85 3.08
CA MET B 249 20.43 1.18 3.54
C MET B 249 21.12 2.19 2.62
N ALA B 250 20.40 2.65 1.58
CA ALA B 250 20.88 3.63 0.64
C ALA B 250 22.04 3.08 -0.21
N GLN B 251 22.07 1.75 -0.37
CA GLN B 251 23.02 1.07 -1.23
C GLN B 251 22.34 0.81 -2.57
N TYR B 252 22.09 1.91 -3.28
CA TYR B 252 21.22 1.89 -4.43
C TYR B 252 21.73 0.96 -5.54
N PRO B 253 23.02 1.02 -5.98
CA PRO B 253 23.48 0.13 -7.04
C PRO B 253 23.28 -1.35 -6.72
N LEU B 254 23.58 -1.78 -5.47
CA LEU B 254 23.28 -3.15 -5.03
C LEU B 254 21.79 -3.44 -5.04
N ALA B 255 20.95 -2.47 -4.67
CA ALA B 255 19.50 -2.69 -4.72
C ALA B 255 19.04 -2.89 -6.17
N ALA B 256 19.51 -2.03 -7.07
CA ALA B 256 19.18 -2.11 -8.48
C ALA B 256 19.57 -3.47 -9.07
N LYS B 257 20.70 -4.03 -8.65
N LYS B 257 20.71 -4.03 -8.65
CA LYS B 257 21.15 -5.32 -9.15
CA LYS B 257 21.19 -5.32 -9.13
C LYS B 257 20.23 -6.42 -8.66
C LYS B 257 20.29 -6.45 -8.64
N HIS B 258 19.88 -6.37 -7.36
CA HIS B 258 19.04 -7.40 -6.77
C HIS B 258 17.64 -7.39 -7.38
N ILE B 259 17.08 -6.19 -7.68
CA ILE B 259 15.73 -6.13 -8.23
C ILE B 259 15.73 -6.58 -9.69
N THR B 260 16.83 -6.27 -10.40
CA THR B 260 17.00 -6.73 -11.76
C THR B 260 16.95 -8.24 -11.77
N ARG B 261 17.67 -8.85 -10.82
CA ARG B 261 17.71 -10.30 -10.72
CA ARG B 261 17.71 -10.29 -10.70
C ARG B 261 16.31 -10.82 -10.38
N ALA B 262 15.63 -10.17 -9.44
CA ALA B 262 14.25 -10.58 -9.10
C ALA B 262 13.37 -10.59 -10.35
N ILE B 263 13.46 -9.51 -11.13
CA ILE B 263 12.61 -9.37 -12.31
C ILE B 263 12.91 -10.50 -13.30
N ALA B 264 14.20 -10.75 -13.56
CA ALA B 264 14.60 -11.74 -14.57
C ALA B 264 14.09 -13.10 -14.14
N LEU B 265 14.16 -13.41 -12.84
CA LEU B 265 13.76 -14.74 -12.40
C LEU B 265 12.24 -14.84 -12.29
N GLN B 266 11.59 -13.71 -12.00
CA GLN B 266 10.14 -13.72 -11.95
C GLN B 266 9.54 -14.14 -13.31
N ALA B 267 10.15 -13.67 -14.41
CA ALA B 267 9.71 -14.02 -15.76
C ALA B 267 10.20 -15.42 -16.12
N GLY B 268 11.41 -15.75 -15.65
CA GLY B 268 12.08 -16.96 -16.10
C GLY B 268 12.12 -17.03 -17.64
N GLY B 269 12.02 -18.24 -18.16
CA GLY B 269 12.00 -18.30 -19.61
C GLY B 269 10.62 -18.00 -20.20
N THR B 270 9.62 -17.60 -19.38
CA THR B 270 8.25 -17.98 -19.72
C THR B 270 7.62 -17.00 -20.70
N ASN B 271 8.14 -15.78 -20.76
CA ASN B 271 7.70 -14.85 -21.79
C ASN B 271 6.21 -14.53 -21.67
N PRO B 272 5.74 -14.06 -20.47
CA PRO B 272 4.32 -13.79 -20.25
C PRO B 272 3.74 -12.65 -21.11
N GLN B 273 2.46 -12.77 -21.49
CA GLN B 273 1.82 -11.82 -22.37
C GLN B 273 0.54 -11.27 -21.72
N GLY B 274 0.12 -11.84 -20.59
CA GLY B 274 -1.23 -11.57 -20.11
C GLY B 274 -1.38 -10.27 -19.31
N GLU B 275 -2.63 -9.88 -19.07
CA GLU B 275 -2.94 -8.73 -18.22
C GLU B 275 -2.45 -8.97 -16.79
N GLY B 276 -2.58 -10.22 -16.33
CA GLY B 276 -2.18 -10.60 -14.99
C GLY B 276 -0.73 -10.26 -14.70
N SER B 277 0.18 -10.71 -15.56
CA SER B 277 1.60 -10.41 -15.36
C SER B 277 1.88 -8.93 -15.59
N ARG B 278 1.12 -8.34 -16.52
CA ARG B 278 1.27 -6.92 -16.81
C ARG B 278 1.21 -6.10 -15.50
N ILE B 279 0.19 -6.33 -14.69
CA ILE B 279 0.06 -5.56 -13.48
C ILE B 279 0.96 -6.12 -12.38
N ALA B 280 1.14 -7.44 -12.32
CA ALA B 280 1.87 -8.01 -11.20
C ALA B 280 3.38 -7.75 -11.31
N THR B 281 3.92 -7.54 -12.52
CA THR B 281 5.35 -7.24 -12.63
C THR B 281 5.67 -5.77 -12.36
N ARG B 282 4.65 -4.91 -12.37
CA ARG B 282 4.87 -3.47 -12.40
C ARG B 282 5.54 -2.96 -11.12
N GLY B 283 5.22 -3.56 -9.96
CA GLY B 283 5.79 -3.11 -8.70
C GLY B 283 7.29 -3.41 -8.60
N LEU B 284 7.75 -4.44 -9.30
CA LEU B 284 9.19 -4.73 -9.34
C LEU B 284 9.91 -3.69 -10.20
N TRP B 285 9.35 -3.40 -11.39
CA TRP B 285 9.81 -2.30 -12.22
C TRP B 285 9.76 -0.96 -11.49
N ASP B 286 8.72 -0.71 -10.69
CA ASP B 286 8.64 0.53 -9.93
C ASP B 286 9.84 0.65 -8.98
N LEU B 287 10.16 -0.44 -8.27
CA LEU B 287 11.28 -0.40 -7.34
C LEU B 287 12.57 -0.16 -8.13
N LEU B 288 12.74 -0.84 -9.27
CA LEU B 288 13.96 -0.61 -10.07
C LEU B 288 14.07 0.88 -10.41
N ARG B 289 12.93 1.48 -10.81
CA ARG B 289 12.97 2.84 -11.33
C ARG B 289 13.35 3.82 -10.22
N MET B 290 12.77 3.64 -9.02
CA MET B 290 13.07 4.47 -7.87
C MET B 290 14.55 4.31 -7.51
N THR B 291 15.10 3.09 -7.60
CA THR B 291 16.52 2.93 -7.30
C THR B 291 17.37 3.64 -8.35
N LEU B 292 16.94 3.60 -9.63
CA LEU B 292 17.64 4.28 -10.71
C LEU B 292 17.65 5.79 -10.48
N ASN B 293 16.54 6.32 -9.97
CA ASN B 293 16.47 7.75 -9.71
C ASN B 293 17.44 8.09 -8.58
N LEU B 294 17.50 7.24 -7.56
CA LEU B 294 18.35 7.51 -6.41
C LEU B 294 19.83 7.21 -6.72
N MET B 295 20.11 6.59 -7.88
CA MET B 295 21.49 6.39 -8.30
C MET B 295 21.90 7.54 -9.21
N ASP B 296 20.98 8.48 -9.43
CA ASP B 296 21.23 9.55 -10.38
C ASP B 296 21.45 8.96 -11.77
N ARG B 297 20.61 7.99 -12.13
CA ARG B 297 20.72 7.35 -13.44
C ARG B 297 19.39 7.46 -14.18
N SER B 298 18.92 8.69 -14.39
CA SER B 298 17.68 8.95 -15.09
C SER B 298 17.73 8.49 -16.55
N ASP B 299 18.94 8.25 -17.08
CA ASP B 299 19.10 7.78 -18.46
C ASP B 299 18.63 6.33 -18.59
N LEU B 300 18.46 5.62 -17.47
CA LEU B 300 17.99 4.25 -17.52
C LEU B 300 16.49 4.18 -17.23
N VAL B 301 15.89 5.32 -16.86
CA VAL B 301 14.51 5.32 -16.36
C VAL B 301 13.50 4.92 -17.45
N GLU B 302 13.72 5.33 -18.71
CA GLU B 302 12.73 5.06 -19.75
C GLU B 302 12.61 3.55 -20.04
N ALA B 303 13.76 2.86 -20.07
CA ALA B 303 13.78 1.41 -20.21
C ALA B 303 13.00 0.75 -19.08
N SER B 304 13.04 1.35 -17.88
CA SER B 304 12.28 0.86 -16.74
C SER B 304 10.78 1.03 -16.96
N TRP B 305 10.41 2.07 -17.73
CA TRP B 305 9.01 2.28 -18.07
C TRP B 305 8.54 1.24 -19.07
N GLN B 306 9.39 0.87 -20.03
CA GLN B 306 9.03 -0.10 -21.06
C GLN B 306 9.23 -1.55 -20.61
N GLN B 307 9.69 -1.75 -19.37
CA GLN B 307 9.96 -3.09 -18.85
C GLN B 307 10.91 -3.88 -19.76
N ASP B 308 12.01 -3.25 -20.20
CA ASP B 308 13.00 -3.85 -21.08
C ASP B 308 14.25 -4.20 -20.25
N LEU B 309 14.43 -5.50 -20.03
CA LEU B 309 15.42 -6.01 -19.08
C LEU B 309 16.85 -5.84 -19.61
N THR B 310 17.01 -5.80 -20.95
CA THR B 310 18.31 -5.89 -21.60
C THR B 310 19.34 -4.92 -21.02
N PRO B 311 19.10 -3.58 -20.97
CA PRO B 311 20.12 -2.65 -20.48
C PRO B 311 20.53 -2.87 -19.02
N PHE B 312 19.65 -3.47 -18.23
CA PHE B 312 19.88 -3.68 -16.82
C PHE B 312 20.73 -4.93 -16.60
N LEU B 313 20.46 -5.99 -17.38
CA LEU B 313 21.29 -7.19 -17.38
C LEU B 313 22.74 -6.82 -17.69
N LYS B 314 22.92 -5.95 -18.70
CA LYS B 314 24.21 -5.47 -19.15
C LYS B 314 24.81 -4.61 -18.03
N GLU B 315 24.03 -3.65 -17.55
CA GLU B 315 24.52 -2.67 -16.61
C GLU B 315 25.03 -3.33 -15.32
N PHE B 316 24.38 -4.40 -14.86
CA PHE B 316 24.66 -4.93 -13.53
C PHE B 316 25.39 -6.26 -13.59
N GLY B 317 25.87 -6.63 -14.79
CA GLY B 317 26.61 -7.87 -14.98
C GLY B 317 25.79 -9.12 -14.69
N LEU B 318 24.60 -9.22 -15.31
CA LEU B 318 23.71 -10.36 -15.14
C LEU B 318 23.37 -10.95 -16.51
N GLU B 319 24.31 -10.76 -17.44
CA GLU B 319 24.17 -11.21 -18.82
C GLU B 319 23.98 -12.73 -18.88
N ASP B 320 24.52 -13.44 -17.89
CA ASP B 320 24.28 -14.86 -17.69
C ASP B 320 22.78 -15.18 -17.60
N MET B 321 21.95 -14.18 -17.27
CA MET B 321 20.53 -14.36 -17.06
C MET B 321 19.70 -13.95 -18.28
N ALA B 322 20.34 -13.36 -19.29
CA ALA B 322 19.67 -12.87 -20.50
C ALA B 322 18.82 -13.95 -21.16
N VAL B 323 17.63 -13.56 -21.63
CA VAL B 323 16.72 -14.44 -22.35
C VAL B 323 16.19 -13.70 -23.58
N TYR C 1 -11.61 -1.23 -1.11
CA TYR C 1 -10.39 -0.35 -1.19
C TYR C 1 -10.33 0.57 0.03
N GLN C 2 -9.16 1.16 0.26
CA GLN C 2 -8.95 2.14 1.32
C GLN C 2 -9.31 3.56 0.85
N SER C 3 -9.97 4.30 1.73
CA SER C 3 -10.32 5.69 1.51
C SER C 3 -9.28 6.58 2.19
N LYS C 4 -8.97 7.73 1.57
CA LYS C 4 -7.88 8.57 2.04
C LYS C 4 -8.39 9.71 2.91
N LEU C 5 -7.72 9.91 4.03
CA LEU C 5 -7.98 11.07 4.87
C LEU C 5 -7.51 12.34 4.15
N TYR D 1 11.05 1.50 1.91
CA TYR D 1 9.94 0.64 1.42
C TYR D 1 9.66 -0.50 2.41
N GLN D 2 8.44 -1.02 2.31
CA GLN D 2 7.90 -2.15 3.06
C GLN D 2 8.46 -3.43 2.45
N SER D 3 8.87 -4.36 3.33
CA SER D 3 9.25 -5.73 2.97
C SER D 3 8.07 -6.70 3.15
N LYS D 4 8.02 -7.72 2.27
CA LYS D 4 6.87 -8.61 2.17
C LYS D 4 7.09 -9.92 2.94
N LEU D 5 6.12 -10.27 3.80
CA LEU D 5 6.13 -11.56 4.45
C LEU D 5 5.85 -12.67 3.43
C1 EDO E . -3.94 2.55 -1.34
O1 EDO E . -3.48 2.21 -2.64
C2 EDO E . -2.92 2.44 -0.25
O2 EDO E . -2.02 1.35 -0.39
C1 PEG F . -6.20 -0.10 -2.63
O1 PEG F . -6.82 0.06 -1.37
C2 PEG F . -6.65 0.93 -3.63
O2 PEG F . -6.88 0.34 -4.90
C3 PEG F . -7.14 1.29 -5.92
C4 PEG F . -5.86 1.70 -6.57
O4 PEG F . -5.56 3.05 -6.33
C1 EDO G . -7.74 24.44 -0.27
O1 EDO G . -8.05 25.76 0.16
C2 EDO G . -8.18 24.20 -1.67
O2 EDO G . -9.39 24.85 -1.97
C1 EDO H . -14.61 11.76 22.03
O1 EDO H . -13.22 11.70 22.42
C2 EDO H . -14.87 12.72 20.92
O2 EDO H . -13.67 13.08 20.22
MG MG I . 3.32 24.62 -21.29
C1 EDO J . 20.60 27.70 0.95
O1 EDO J . 21.00 26.73 -0.01
C2 EDO J . 20.40 29.02 0.29
O2 EDO J . 21.59 29.75 0.14
C1 EDO K . -13.16 1.16 16.08
O1 EDO K . -14.08 1.78 16.94
C2 EDO K . -13.78 0.05 15.28
O2 EDO K . -13.31 -0.08 13.94
C1 EDO L . -26.42 20.49 -4.97
O1 EDO L . -26.80 20.72 -6.33
C2 EDO L . -25.24 21.28 -4.56
O2 EDO L . -24.06 20.48 -4.55
C1 EDO M . -12.66 17.97 30.69
O1 EDO M . -12.29 19.32 30.53
C2 EDO M . -12.88 17.28 29.40
O2 EDO M . -12.27 17.97 28.32
C1 EDO N . -1.53 -1.21 9.29
O1 EDO N . -1.75 -0.78 10.62
C2 EDO N . -1.24 -0.12 8.32
O2 EDO N . -2.39 0.61 7.89
C1 EDO O . 2.77 -19.51 5.35
O1 EDO O . 3.64 -20.55 4.92
C2 EDO O . 2.04 -18.79 4.26
O2 EDO O . 1.63 -19.58 3.13
C1 EDO P . -4.09 -29.70 11.79
O1 EDO P . -5.31 -29.08 11.36
C2 EDO P . -4.15 -30.28 13.16
O2 EDO P . -4.87 -29.51 14.11
C1 EDO Q . 14.87 -13.77 -17.97
O1 EDO Q . 13.54 -13.55 -17.54
C2 EDO Q . 15.64 -12.51 -18.08
O2 EDO Q . 16.16 -12.35 -19.38
C TRS R . 0.80 -21.80 -26.19
C1 TRS R . 0.84 -22.55 -27.51
C2 TRS R . -0.24 -22.40 -25.24
C3 TRS R . 2.19 -21.82 -25.54
N TRS R . 0.42 -20.38 -26.46
O1 TRS R . -0.15 -22.09 -28.43
O2 TRS R . -0.90 -21.43 -24.45
O3 TRS R . 3.06 -22.73 -26.20
C1 EDO S . -4.47 -20.39 -26.51
O1 EDO S . -5.17 -21.03 -25.45
C2 EDO S . -3.80 -19.14 -26.05
O2 EDO S . -2.67 -18.82 -26.85
C1 EDO T . -4.80 -7.25 -10.51
O1 EDO T . -5.75 -8.09 -9.89
C2 EDO T . -5.11 -5.81 -10.41
O2 EDO T . -4.75 -5.30 -9.15
C1 EDO U . 1.72 -15.51 1.13
O1 EDO U . 0.38 -15.58 0.71
C2 EDO U . 2.34 -16.84 1.44
O2 EDO U . 1.87 -17.99 0.74
#